data_2Q0C
#
_entry.id   2Q0C
#
_cell.length_a   81.166
_cell.length_b   42.157
_cell.length_c   106.809
_cell.angle_alpha   90.000
_cell.angle_beta   93.660
_cell.angle_gamma   90.000
#
_symmetry.space_group_name_H-M   'P 1 21 1'
#
loop_
_entity.id
_entity.type
_entity.pdbx_description
1 polymer 'RNA uridylyl transferase'
2 non-polymer 'MAGNESIUM ION'
3 non-polymer "CYTIDINE-5'-TRIPHOSPHATE"
4 water water
#
_entity_poly.entity_id   1
_entity_poly.type   'polypeptide(L)'
_entity_poly.pdbx_seq_one_letter_code
;MGSSHHHHHHSSGLVPRGSHMPPSPAVVGRSLVNSFKQFVSKDLHTRHVDATYRLVLDCVAAVDPLMRLYTFGSTVVYGV
HEKGSDVDFVVLNKTDVEDGKGGDAATQVAKGLQADILAKLARVIRQKHLSWNVEEVRRTRVPVVRVKGGGAVDFDITAY
RRNGVRNSALLRAYFEQNPPCRWLSMSIKRWSKQTGLNASVIGGSITSYGFNLMVVYYLLQRNHLQFVPPSTIDVSRVEP
LPPHLPLEEPADEGLELGTQVLDFLHFFLHEFDSDKQVISLNRPGITTKEELDWTKSAEDFARMNGEKVHYQWCIEDPYE
LNLNVGRNVTPLKRDFLRRHLEKARDTALLTIV
;
_entity_poly.pdbx_strand_id   A,B
#
loop_
_chem_comp.id
_chem_comp.type
_chem_comp.name
_chem_comp.formula
CTP non-polymer CYTIDINE-5'-TRIPHOSPHATE 'C9 H16 N3 O14 P3'
MG non-polymer 'MAGNESIUM ION' 'Mg 2'
#
# COMPACT_ATOMS: atom_id res chain seq x y z
N PRO A 23 -31.40 -8.78 36.37
CA PRO A 23 -30.71 -9.36 37.51
C PRO A 23 -30.11 -8.30 38.42
N SER A 24 -29.77 -8.71 39.64
CA SER A 24 -29.14 -7.86 40.63
C SER A 24 -27.65 -7.77 40.30
N PRO A 25 -26.96 -6.71 40.79
CA PRO A 25 -25.51 -6.64 40.68
C PRO A 25 -24.80 -7.96 41.02
N ALA A 26 -25.26 -8.66 42.06
CA ALA A 26 -24.69 -9.94 42.50
C ALA A 26 -24.80 -11.07 41.47
N VAL A 27 -26.01 -11.30 40.94
CA VAL A 27 -26.20 -12.30 39.88
C VAL A 27 -25.37 -12.00 38.65
N VAL A 28 -25.34 -10.71 38.25
CA VAL A 28 -24.52 -10.28 37.12
C VAL A 28 -23.05 -10.59 37.43
N GLY A 29 -22.63 -10.19 38.64
CA GLY A 29 -21.29 -10.49 39.13
C GLY A 29 -20.92 -11.96 39.06
N ARG A 30 -21.84 -12.83 39.49
CA ARG A 30 -21.62 -14.28 39.50
C ARG A 30 -21.54 -14.94 38.11
N SER A 31 -22.41 -14.53 37.19
CA SER A 31 -22.39 -15.09 35.82
C SER A 31 -21.11 -14.69 35.12
N LEU A 32 -20.67 -13.45 35.37
CA LEU A 32 -19.41 -12.92 34.84
C LEU A 32 -18.18 -13.68 35.32
N VAL A 33 -18.03 -13.83 36.64
CA VAL A 33 -16.92 -14.63 37.19
C VAL A 33 -16.98 -16.09 36.67
N ASN A 34 -18.18 -16.65 36.58
CA ASN A 34 -18.39 -17.98 36.00
C ASN A 34 -18.06 -18.07 34.51
N SER A 35 -18.41 -17.05 33.73
CA SER A 35 -18.02 -16.99 32.30
C SER A 35 -16.50 -16.94 32.05
N PHE A 36 -15.75 -16.39 33.01
CA PHE A 36 -14.31 -16.23 32.87
C PHE A 36 -13.48 -17.36 33.51
N LYS A 37 -14.13 -18.49 33.81
CA LYS A 37 -13.51 -19.60 34.57
C LYS A 37 -12.30 -20.24 33.87
N GLN A 38 -12.37 -20.37 32.55
CA GLN A 38 -11.33 -21.05 31.77
C GLN A 38 -10.31 -20.07 31.19
N PHE A 39 -10.61 -18.78 31.29
CA PHE A 39 -9.65 -17.73 30.93
C PHE A 39 -8.47 -17.68 31.91
N VAL A 40 -8.77 -17.85 33.21
CA VAL A 40 -7.78 -17.83 34.30
C VAL A 40 -6.84 -19.07 34.34
N SER A 41 -7.33 -20.23 33.91
CA SER A 41 -6.48 -21.40 33.68
C SER A 41 -5.55 -21.16 32.49
N LYS A 42 -4.33 -21.70 32.59
CA LYS A 42 -3.25 -21.49 31.59
C LYS A 42 -2.95 -20.01 31.28
N ARG A 47 4.98 -14.22 31.04
CA ARG A 47 5.11 -13.74 29.67
C ARG A 47 5.44 -14.85 28.67
N HIS A 48 4.56 -15.03 27.68
CA HIS A 48 4.80 -15.99 26.61
C HIS A 48 4.98 -15.30 25.25
N VAL A 49 4.77 -13.98 25.24
CA VAL A 49 4.92 -13.11 24.05
C VAL A 49 6.39 -12.83 23.67
N ASP A 50 7.31 -13.05 24.60
CA ASP A 50 8.76 -12.78 24.42
C ASP A 50 9.34 -13.40 23.16
N ALA A 51 9.00 -14.67 22.94
CA ALA A 51 9.56 -15.47 21.88
C ALA A 51 9.13 -14.94 20.53
N THR A 52 7.84 -14.55 20.45
CA THR A 52 7.26 -13.94 19.25
C THR A 52 7.91 -12.59 19.02
N TYR A 53 8.10 -11.82 20.09
CA TYR A 53 8.75 -10.54 20.00
C TYR A 53 10.13 -10.80 19.37
N ARG A 54 10.82 -11.80 19.90
CA ARG A 54 12.12 -12.21 19.37
C ARG A 54 12.06 -12.70 17.93
N LEU A 55 11.10 -13.55 17.61
CA LEU A 55 10.92 -13.99 16.21
C LEU A 55 10.71 -12.78 15.29
N VAL A 56 9.77 -11.88 15.64
CA VAL A 56 9.57 -10.64 14.88
C VAL A 56 10.87 -9.83 14.82
N LEU A 57 11.57 -9.68 15.95
CA LEU A 57 12.84 -8.94 15.94
C LEU A 57 13.91 -9.51 14.97
N ASP A 58 13.91 -10.84 14.79
CA ASP A 58 14.79 -11.48 13.80
C ASP A 58 14.57 -10.81 12.47
N CYS A 59 13.37 -10.98 11.90
CA CYS A 59 12.99 -10.35 10.63
C CYS A 59 13.28 -8.86 10.49
N VAL A 60 13.00 -8.09 11.55
CA VAL A 60 13.19 -6.64 11.55
C VAL A 60 14.67 -6.34 11.36
N ALA A 61 15.53 -7.09 12.06
CA ALA A 61 16.98 -6.87 12.03
C ALA A 61 17.63 -7.14 10.65
N ALA A 62 17.09 -8.10 9.92
CA ALA A 62 17.56 -8.42 8.54
C ALA A 62 17.24 -7.30 7.55
N VAL A 63 16.20 -6.52 7.85
CA VAL A 63 15.96 -5.31 7.09
C VAL A 63 16.97 -4.25 7.58
N ASP A 64 16.90 -3.89 8.86
CA ASP A 64 17.83 -2.91 9.46
C ASP A 64 18.11 -3.26 10.93
N PRO A 65 19.38 -3.65 11.26
CA PRO A 65 19.75 -4.00 12.65
C PRO A 65 19.72 -2.83 13.67
N LEU A 66 19.64 -1.59 13.17
CA LEU A 66 19.44 -0.38 14.00
C LEU A 66 17.97 -0.03 14.35
N MET A 67 17.03 -0.75 13.74
CA MET A 67 15.60 -0.52 13.91
C MET A 67 15.10 -1.21 15.17
N ARG A 68 14.18 -0.54 15.87
CA ARG A 68 13.60 -1.01 17.13
C ARG A 68 12.23 -1.71 16.96
N LEU A 69 11.86 -2.57 17.91
CA LEU A 69 10.53 -3.17 17.91
C LEU A 69 9.79 -2.85 19.20
N TYR A 70 8.63 -2.19 19.08
CA TYR A 70 7.79 -1.88 20.22
C TYR A 70 6.49 -2.68 20.17
N THR A 71 5.95 -3.00 21.35
CA THR A 71 4.67 -3.69 21.51
C THR A 71 3.59 -2.69 21.93
N PHE A 72 2.34 -2.92 21.49
CA PHE A 72 1.20 -2.07 21.92
C PHE A 72 -0.13 -2.86 21.87
N GLY A 73 -1.29 -2.21 22.02
CA GLY A 73 -2.58 -2.95 22.08
C GLY A 73 -2.89 -3.57 23.45
N SER A 74 -3.83 -4.53 23.49
CA SER A 74 -4.29 -5.14 24.76
C SER A 74 -3.21 -5.75 25.63
N THR A 75 -2.24 -6.42 25.00
CA THR A 75 -1.07 -7.01 25.67
C THR A 75 -0.39 -5.97 26.57
N VAL A 76 -0.15 -4.78 26.02
CA VAL A 76 0.39 -3.64 26.79
C VAL A 76 -0.68 -2.98 27.67
N VAL A 77 -1.88 -2.76 27.14
CA VAL A 77 -2.94 -2.10 27.93
C VAL A 77 -3.27 -2.89 29.20
N TYR A 78 -3.52 -4.20 29.07
CA TYR A 78 -3.80 -4.99 30.27
C TYR A 78 -2.54 -5.53 30.97
N GLY A 79 -1.44 -5.74 30.26
CA GLY A 79 -0.35 -6.46 30.89
C GLY A 79 -0.62 -7.95 30.92
N VAL A 80 -1.67 -8.39 30.22
CA VAL A 80 -1.94 -9.82 29.98
C VAL A 80 -2.22 -10.12 28.50
N HIS A 81 -1.73 -11.26 28.03
CA HIS A 81 -2.00 -11.68 26.66
C HIS A 81 -3.16 -12.63 26.65
N GLU A 82 -4.24 -12.23 25.97
CA GLU A 82 -5.49 -12.97 25.93
C GLU A 82 -5.46 -14.04 24.84
N LYS A 83 -6.25 -15.09 25.06
CA LYS A 83 -6.57 -16.04 24.01
C LYS A 83 -7.56 -15.37 23.04
N GLY A 84 -7.23 -15.45 21.74
CA GLY A 84 -8.11 -14.87 20.70
C GLY A 84 -7.83 -13.39 20.47
N SER A 85 -6.67 -12.94 20.94
CA SER A 85 -6.16 -11.63 20.59
C SER A 85 -4.82 -11.79 19.88
N ASP A 86 -4.65 -10.99 18.82
CA ASP A 86 -3.36 -10.83 18.18
C ASP A 86 -2.37 -10.08 19.10
N VAL A 87 -1.14 -9.87 18.64
CA VAL A 87 -0.19 -8.92 19.26
C VAL A 87 -0.06 -7.76 18.30
N ASP A 88 0.22 -6.56 18.82
CA ASP A 88 0.42 -5.39 17.97
C ASP A 88 1.88 -4.94 18.10
N PHE A 89 2.54 -4.76 16.98
CA PHE A 89 3.95 -4.37 16.98
C PHE A 89 4.10 -3.12 16.12
N VAL A 90 5.06 -2.27 16.44
CA VAL A 90 5.44 -1.16 15.54
C VAL A 90 6.97 -1.13 15.45
N VAL A 91 7.46 -0.75 14.29
CA VAL A 91 8.89 -0.72 14.01
C VAL A 91 9.31 0.75 14.02
N LEU A 92 10.18 1.11 14.96
CA LEU A 92 10.57 2.50 15.14
C LEU A 92 12.07 2.73 14.93
N ASN A 93 12.43 3.92 14.47
CA ASN A 93 13.84 4.30 14.41
C ASN A 93 14.23 4.95 15.71
N LYS A 94 15.53 4.95 16.04
CA LYS A 94 16.04 5.61 17.25
C LYS A 94 15.48 7.02 17.48
N THR A 95 15.52 7.86 16.45
CA THR A 95 15.00 9.22 16.54
C THR A 95 13.47 9.33 16.65
N ASP A 96 12.75 8.28 16.27
CA ASP A 96 11.29 8.22 16.48
C ASP A 96 10.96 8.07 17.97
N VAL A 97 11.81 7.32 18.67
CA VAL A 97 11.73 7.09 20.12
C VAL A 97 12.12 8.35 20.93
N GLU A 98 13.31 8.89 20.67
CA GLU A 98 13.80 10.09 21.36
C GLU A 98 12.87 11.28 21.21
N ASP A 99 12.15 11.35 20.09
CA ASP A 99 11.16 12.40 19.95
C ASP A 99 9.89 11.89 20.62
N GLY A 100 9.99 11.56 21.91
CA GLY A 100 8.97 10.77 22.58
C GLY A 100 7.60 11.39 22.73
N LYS A 101 7.41 12.61 22.27
CA LYS A 101 6.14 13.28 22.43
C LYS A 101 5.68 13.96 21.14
N GLY A 102 6.33 13.67 20.03
CA GLY A 102 5.86 14.18 18.75
C GLY A 102 4.55 13.54 18.39
N GLY A 103 3.70 14.32 17.69
CA GLY A 103 2.48 13.78 17.07
C GLY A 103 2.93 13.00 15.85
N ASP A 104 2.02 12.28 15.20
CA ASP A 104 2.36 11.53 13.99
C ASP A 104 1.76 12.16 12.72
N ALA A 105 2.64 12.49 11.76
CA ALA A 105 2.27 13.10 10.49
C ALA A 105 1.19 12.32 9.79
N ALA A 106 0.15 13.01 9.34
CA ALA A 106 -0.98 12.37 8.65
C ALA A 106 -0.92 12.70 7.17
N THR A 107 0.25 12.56 6.57
CA THR A 107 0.49 12.97 5.20
C THR A 107 0.70 11.77 4.28
N GLN A 108 0.69 12.02 2.96
CA GLN A 108 0.85 10.98 1.95
C GLN A 108 2.27 10.45 1.86
N VAL A 109 3.27 11.30 2.12
CA VAL A 109 4.63 10.78 2.16
C VAL A 109 4.86 9.95 3.42
N ALA A 110 4.33 10.40 4.58
CA ALA A 110 4.40 9.57 5.81
C ALA A 110 3.92 8.15 5.53
N LYS A 111 2.72 8.06 5.00
CA LYS A 111 2.06 6.83 4.56
C LYS A 111 2.91 6.07 3.53
N GLY A 112 3.47 6.78 2.54
CA GLY A 112 4.37 6.17 1.57
C GLY A 112 5.54 5.48 2.22
N LEU A 113 6.31 6.22 3.02
CA LEU A 113 7.46 5.73 3.82
C LEU A 113 7.22 4.42 4.60
N GLN A 114 6.09 4.37 5.28
CA GLN A 114 5.65 3.23 6.07
C GLN A 114 5.33 1.99 5.26
N ALA A 115 4.64 2.15 4.13
CA ALA A 115 4.37 1.07 3.17
C ALA A 115 5.64 0.51 2.53
N ASP A 116 6.64 1.37 2.32
CA ASP A 116 7.89 0.95 1.68
C ASP A 116 8.70 0.08 2.62
N ILE A 117 8.98 0.56 3.84
CA ILE A 117 9.61 -0.29 4.85
C ILE A 117 8.84 -1.58 5.16
N LEU A 118 7.54 -1.47 5.39
CA LEU A 118 6.67 -2.66 5.59
C LEU A 118 6.70 -3.69 4.46
N ALA A 119 6.97 -3.25 3.24
CA ALA A 119 7.02 -4.15 2.07
C ALA A 119 8.22 -5.05 2.15
N LYS A 120 9.34 -4.45 2.56
CA LYS A 120 10.63 -5.10 2.68
C LYS A 120 10.58 -6.11 3.77
N LEU A 121 10.00 -5.71 4.90
CA LEU A 121 9.90 -6.56 6.06
C LEU A 121 8.99 -7.74 5.79
N ALA A 122 8.00 -7.57 4.92
CA ALA A 122 7.05 -8.62 4.56
C ALA A 122 7.72 -9.69 3.70
N ARG A 123 8.52 -9.23 2.73
CA ARG A 123 9.42 -10.08 1.92
C ARG A 123 10.26 -10.96 2.85
N VAL A 124 10.94 -10.36 3.82
CA VAL A 124 11.78 -11.10 4.80
C VAL A 124 10.99 -12.11 5.66
N ILE A 125 9.84 -11.69 6.18
CA ILE A 125 9.01 -12.60 6.98
C ILE A 125 8.59 -13.82 6.18
N ARG A 126 8.22 -13.59 4.91
CA ARG A 126 7.80 -14.69 4.01
C ARG A 126 8.92 -15.67 3.74
N GLN A 127 10.12 -15.13 3.53
CA GLN A 127 11.31 -15.91 3.22
C GLN A 127 11.67 -16.79 4.38
N LYS A 128 11.56 -16.25 5.59
CA LYS A 128 12.06 -16.93 6.77
C LYS A 128 11.03 -17.90 7.30
N HIS A 129 9.75 -17.60 7.03
CA HIS A 129 8.65 -18.44 7.48
C HIS A 129 7.69 -18.82 6.34
N LEU A 130 8.02 -19.90 5.62
CA LEU A 130 7.22 -20.29 4.46
C LEU A 130 5.76 -20.67 4.73
N SER A 131 5.42 -21.12 5.95
CA SER A 131 4.03 -21.53 6.24
C SER A 131 3.07 -20.39 6.63
N TRP A 132 3.65 -19.22 6.90
CA TRP A 132 2.93 -18.06 7.40
C TRP A 132 2.19 -17.32 6.29
N ASN A 133 0.94 -16.96 6.53
CA ASN A 133 0.29 -15.99 5.64
C ASN A 133 0.65 -14.53 5.98
N VAL A 134 1.22 -13.81 5.01
CA VAL A 134 1.72 -12.47 5.26
C VAL A 134 0.97 -11.46 4.38
N GLU A 135 0.00 -10.76 4.95
CA GLU A 135 -0.88 -9.90 4.18
C GLU A 135 -0.53 -8.42 4.25
N GLU A 136 -0.26 -7.81 3.10
CA GLU A 136 -0.05 -6.36 3.07
C GLU A 136 -1.41 -5.71 2.85
N VAL A 137 -1.97 -5.25 3.98
CA VAL A 137 -3.29 -4.60 4.09
C VAL A 137 -3.23 -3.10 3.69
N ARG A 138 -3.94 -2.79 2.62
CA ARG A 138 -3.89 -1.43 2.09
C ARG A 138 -5.26 -0.71 2.15
N ARG A 139 -6.29 -1.38 2.65
CA ARG A 139 -7.63 -0.80 2.74
C ARG A 139 -7.70 0.33 3.79
N THR A 140 -6.74 0.35 4.70
CA THR A 140 -6.82 1.11 5.95
C THR A 140 -6.21 2.52 5.87
N ARG A 141 -6.49 3.35 6.87
CA ARG A 141 -5.82 4.66 7.01
C ARG A 141 -4.33 4.59 7.43
N VAL A 142 -4.01 3.63 8.31
CA VAL A 142 -2.61 3.36 8.72
C VAL A 142 -2.15 2.03 8.06
N PRO A 143 -1.09 2.09 7.21
CA PRO A 143 -0.53 0.89 6.58
C PRO A 143 -0.12 -0.20 7.58
N VAL A 144 -0.49 -1.44 7.27
CA VAL A 144 -0.33 -2.54 8.21
C VAL A 144 -0.09 -3.86 7.48
N VAL A 145 0.79 -4.68 8.07
CA VAL A 145 1.03 -6.02 7.58
C VAL A 145 0.39 -6.97 8.59
N ARG A 146 -0.59 -7.76 8.13
CA ARG A 146 -1.30 -8.75 8.96
C ARG A 146 -0.74 -10.19 8.79
N VAL A 147 -0.34 -10.79 9.90
CA VAL A 147 0.37 -12.05 9.87
C VAL A 147 -0.40 -13.11 10.64
N LYS A 148 -0.74 -14.18 9.93
CA LYS A 148 -1.31 -15.41 10.51
C LYS A 148 -0.37 -16.56 10.13
N GLY A 149 0.30 -17.12 11.15
CA GLY A 149 1.15 -18.31 11.02
C GLY A 149 0.37 -19.61 11.20
N GLY A 150 -0.80 -19.53 11.84
CA GLY A 150 -1.76 -20.61 11.84
C GLY A 150 -1.97 -21.38 13.12
N GLY A 151 -1.30 -21.00 14.19
CA GLY A 151 -1.55 -21.61 15.50
C GLY A 151 -1.66 -20.53 16.56
N ALA A 152 -2.57 -19.58 16.32
CA ALA A 152 -2.64 -18.31 17.07
C ALA A 152 -1.27 -17.57 17.26
N VAL A 153 -0.30 -17.88 16.39
CA VAL A 153 0.69 -16.90 15.98
C VAL A 153 -0.16 -15.95 15.12
N ASP A 154 -0.27 -14.71 15.59
CA ASP A 154 -1.27 -13.79 15.09
C ASP A 154 -0.83 -12.39 15.45
N PHE A 155 -0.48 -11.58 14.45
CA PHE A 155 -0.06 -10.22 14.74
C PHE A 155 -0.06 -9.27 13.55
N ASP A 156 -0.17 -7.97 13.88
CA ASP A 156 -0.09 -6.89 12.92
C ASP A 156 1.21 -6.12 13.12
N ILE A 157 1.76 -5.58 12.05
CA ILE A 157 2.95 -4.74 12.22
C ILE A 157 2.69 -3.42 11.53
N THR A 158 3.07 -2.33 12.21
CA THR A 158 3.06 -1.00 11.63
C THR A 158 4.45 -0.39 11.67
N ALA A 159 4.61 0.78 11.04
CA ALA A 159 5.88 1.48 11.04
C ALA A 159 5.76 2.93 11.45
N TYR A 160 6.80 3.39 12.15
CA TYR A 160 7.19 4.81 12.28
C TYR A 160 6.13 5.68 12.95
N ARG A 161 5.32 5.07 13.80
CA ARG A 161 4.25 5.81 14.47
C ARG A 161 4.35 5.63 15.97
N ARG A 162 4.23 6.74 16.69
CA ARG A 162 4.30 6.74 18.12
C ARG A 162 2.93 6.54 18.75
N ASN A 163 1.85 6.83 18.02
CA ASN A 163 0.53 6.97 18.68
C ASN A 163 -0.09 5.69 19.27
N GLY A 164 0.08 4.56 18.59
CA GLY A 164 -0.22 3.25 19.12
C GLY A 164 0.50 2.92 20.41
N VAL A 165 1.84 2.97 20.44
CA VAL A 165 2.52 2.82 21.73
C VAL A 165 2.09 3.88 22.79
N ARG A 166 1.85 5.11 22.36
CA ARG A 166 1.47 6.18 23.28
C ARG A 166 0.10 6.03 23.94
N ASN A 167 -0.93 5.84 23.13
CA ASN A 167 -2.27 5.67 23.73
C ASN A 167 -2.48 4.40 24.57
N SER A 168 -1.73 3.36 24.23
CA SER A 168 -1.67 2.11 24.98
C SER A 168 -1.01 2.27 26.34
N ALA A 169 0.12 3.00 26.42
CA ALA A 169 0.72 3.42 27.73
C ALA A 169 -0.22 4.30 28.56
N LEU A 170 -0.96 5.16 27.89
CA LEU A 170 -1.98 5.98 28.59
C LEU A 170 -3.01 5.09 29.24
N LEU A 171 -3.73 4.24 28.47
CA LEU A 171 -4.70 3.30 29.07
C LEU A 171 -4.09 2.32 30.07
N ARG A 172 -2.85 1.93 29.88
CA ARG A 172 -2.11 1.16 30.88
C ARG A 172 -1.84 1.96 32.20
N ALA A 173 -1.30 3.17 32.09
CA ALA A 173 -1.30 4.08 33.26
C ALA A 173 -2.59 4.04 34.08
N TYR A 174 -3.76 4.10 33.42
CA TYR A 174 -5.04 4.13 34.18
C TYR A 174 -5.36 2.79 34.78
N PHE A 175 -5.28 1.72 34.00
CA PHE A 175 -5.61 0.42 34.57
C PHE A 175 -4.70 -0.01 35.71
N GLU A 176 -3.51 0.60 35.81
CA GLU A 176 -2.57 0.43 36.93
C GLU A 176 -2.88 1.17 38.23
N GLN A 177 -3.54 2.32 38.13
CA GLN A 177 -4.11 2.98 39.30
C GLN A 177 -5.09 2.06 39.97
N ASN A 178 -5.76 1.22 39.18
CA ASN A 178 -6.88 0.36 39.66
C ASN A 178 -6.99 -0.91 38.81
N PRO A 179 -6.12 -1.90 39.10
CA PRO A 179 -6.00 -3.12 38.34
C PRO A 179 -7.27 -3.97 38.14
N PRO A 180 -8.15 -4.10 39.17
CA PRO A 180 -9.42 -4.82 38.98
C PRO A 180 -10.40 -4.26 37.92
N CYS A 181 -10.19 -3.02 37.48
CA CYS A 181 -11.04 -2.44 36.46
C CYS A 181 -10.79 -3.07 35.10
N ARG A 182 -9.69 -3.79 34.96
CA ARG A 182 -9.42 -4.55 33.75
C ARG A 182 -10.48 -5.61 33.47
N TRP A 183 -11.15 -6.08 34.52
CA TRP A 183 -12.30 -6.97 34.37
C TRP A 183 -13.53 -6.29 33.74
N LEU A 184 -13.87 -5.07 34.13
CA LEU A 184 -15.01 -4.37 33.50
C LEU A 184 -14.79 -4.17 32.02
N SER A 185 -13.55 -3.83 31.66
CA SER A 185 -13.17 -3.53 30.30
C SER A 185 -13.12 -4.80 29.45
N MET A 186 -12.65 -5.90 30.06
CA MET A 186 -12.56 -7.20 29.40
C MET A 186 -13.97 -7.71 29.14
N SER A 187 -14.84 -7.61 30.15
CA SER A 187 -16.28 -7.91 30.02
C SER A 187 -16.98 -7.11 28.91
N ILE A 188 -16.72 -5.80 28.84
CA ILE A 188 -17.30 -4.99 27.78
C ILE A 188 -16.74 -5.38 26.41
N LYS A 189 -15.42 -5.49 26.32
CA LYS A 189 -14.82 -5.95 25.08
C LYS A 189 -15.44 -7.24 24.55
N ARG A 190 -15.63 -8.25 25.40
CA ARG A 190 -16.02 -9.57 24.88
C ARG A 190 -17.44 -9.55 24.35
N TRP A 191 -18.31 -8.91 25.10
CA TRP A 191 -19.67 -8.56 24.74
C TRP A 191 -19.72 -7.79 23.41
N SER A 192 -18.97 -6.70 23.27
CA SER A 192 -18.98 -5.92 22.02
C SER A 192 -18.79 -6.84 20.79
N LYS A 193 -17.84 -7.78 20.87
CA LYS A 193 -17.56 -8.74 19.82
C LYS A 193 -18.69 -9.75 19.61
N GLN A 194 -19.29 -10.19 20.71
CA GLN A 194 -20.41 -11.16 20.69
C GLN A 194 -21.62 -10.56 20.02
N THR A 195 -21.99 -9.34 20.43
CA THR A 195 -23.14 -8.63 19.87
C THR A 195 -22.94 -8.05 18.45
N GLY A 196 -21.75 -8.22 17.87
CA GLY A 196 -21.45 -7.57 16.58
C GLY A 196 -21.35 -6.04 16.58
N LEU A 197 -21.15 -5.42 17.75
CA LEU A 197 -20.95 -3.96 17.85
C LEU A 197 -19.51 -3.61 17.56
N ASN A 198 -18.64 -4.60 17.73
CA ASN A 198 -17.21 -4.37 17.71
C ASN A 198 -16.82 -4.28 16.27
N ALA A 199 -16.01 -3.28 15.95
CA ALA A 199 -15.51 -3.07 14.60
C ALA A 199 -15.03 -4.34 13.94
N SER A 200 -14.57 -5.32 14.72
CA SER A 200 -13.96 -6.57 14.16
C SER A 200 -14.97 -7.54 13.53
N VAL A 201 -16.25 -7.22 13.64
CA VAL A 201 -17.32 -8.10 13.18
C VAL A 201 -18.03 -7.35 12.04
N ILE A 202 -18.61 -8.10 11.08
CA ILE A 202 -19.35 -7.49 9.97
C ILE A 202 -20.45 -6.57 10.48
N GLY A 203 -20.41 -5.32 10.06
CA GLY A 203 -21.41 -4.33 10.49
C GLY A 203 -21.13 -3.67 11.83
N GLY A 204 -20.00 -4.00 12.46
CA GLY A 204 -19.62 -3.37 13.74
C GLY A 204 -19.10 -1.96 13.49
N SER A 205 -19.24 -1.07 14.48
CA SER A 205 -18.87 0.32 14.30
C SER A 205 -17.79 0.90 15.27
N ILE A 206 -17.62 0.34 16.46
CA ILE A 206 -16.58 0.79 17.39
C ILE A 206 -15.48 -0.30 17.60
N THR A 207 -14.19 0.07 17.42
CA THR A 207 -13.07 -0.83 17.78
C THR A 207 -13.00 -1.13 19.30
N SER A 208 -12.24 -2.17 19.65
CA SER A 208 -11.86 -2.48 21.04
C SER A 208 -11.24 -1.26 21.73
N TYR A 209 -10.40 -0.52 20.99
CA TYR A 209 -9.78 0.72 21.46
C TYR A 209 -10.81 1.78 21.91
N GLY A 210 -11.83 2.02 21.07
CA GLY A 210 -12.94 2.89 21.41
C GLY A 210 -13.74 2.49 22.64
N PHE A 211 -14.05 1.20 22.80
CA PHE A 211 -14.70 0.72 24.03
C PHE A 211 -13.89 0.95 25.32
N ASN A 212 -12.56 0.74 25.27
CA ASN A 212 -11.65 1.16 26.35
C ASN A 212 -11.69 2.64 26.69
N LEU A 213 -11.67 3.49 25.68
CA LEU A 213 -11.80 4.91 25.92
C LEU A 213 -13.14 5.19 26.60
N MET A 214 -14.21 4.52 26.18
CA MET A 214 -15.53 4.61 26.90
C MET A 214 -15.46 4.13 28.35
N VAL A 215 -14.84 2.97 28.58
CA VAL A 215 -14.67 2.42 29.95
C VAL A 215 -13.90 3.35 30.90
N VAL A 216 -12.74 3.81 30.48
CA VAL A 216 -12.03 4.83 31.23
C VAL A 216 -12.83 6.13 31.42
N TYR A 217 -13.39 6.68 30.34
CA TYR A 217 -14.17 7.90 30.48
C TYR A 217 -15.20 7.72 31.61
N TYR A 218 -15.90 6.60 31.60
CA TYR A 218 -16.91 6.25 32.60
C TYR A 218 -16.30 6.21 34.02
N LEU A 219 -15.22 5.46 34.18
CA LEU A 219 -14.59 5.28 35.50
C LEU A 219 -14.04 6.58 36.08
N LEU A 220 -13.71 7.51 35.21
CA LEU A 220 -13.23 8.84 35.59
C LEU A 220 -14.39 9.68 36.08
N GLN A 221 -15.53 9.60 35.39
CA GLN A 221 -16.75 10.28 35.81
C GLN A 221 -17.23 9.80 37.19
N ARG A 222 -17.04 8.52 37.49
CA ARG A 222 -17.34 7.99 38.85
C ARG A 222 -16.15 8.04 39.83
N ASN A 223 -15.09 8.76 39.51
CA ASN A 223 -13.93 8.86 40.40
C ASN A 223 -13.36 7.53 40.89
N HIS A 224 -13.33 6.53 40.01
CA HIS A 224 -12.63 5.27 40.28
C HIS A 224 -11.19 5.44 39.84
N LEU A 225 -10.96 6.49 39.04
CA LEU A 225 -9.65 6.76 38.45
C LEU A 225 -9.35 8.23 38.57
N GLN A 226 -8.07 8.54 38.74
CA GLN A 226 -7.57 9.92 38.85
C GLN A 226 -7.07 10.39 37.48
N PHE A 227 -7.48 11.59 37.05
CA PHE A 227 -7.12 12.11 35.74
C PHE A 227 -5.63 12.21 35.49
N VAL A 228 -5.22 11.63 34.37
CA VAL A 228 -3.88 11.68 33.82
C VAL A 228 -3.90 12.45 32.51
N PRO A 229 -3.19 13.61 32.42
CA PRO A 229 -3.03 14.31 31.16
C PRO A 229 -2.31 13.46 30.11
N PRO A 230 -2.90 13.33 28.91
CA PRO A 230 -2.29 12.51 27.84
C PRO A 230 -0.90 13.02 27.46
N SER A 231 -0.67 14.33 27.60
CA SER A 231 0.64 14.94 27.37
C SER A 231 1.77 14.45 28.31
N THR A 232 1.43 13.85 29.45
CA THR A 232 2.43 13.33 30.36
C THR A 232 3.06 11.99 29.93
N ILE A 233 2.54 11.36 28.87
CA ILE A 233 3.12 10.10 28.32
C ILE A 233 4.21 10.31 27.25
N ASP A 234 5.36 9.68 27.49
CA ASP A 234 6.60 9.97 26.76
C ASP A 234 7.09 8.63 26.26
N VAL A 235 7.08 8.45 24.94
CA VAL A 235 7.47 7.19 24.32
C VAL A 235 8.93 6.85 24.61
N SER A 236 9.74 7.86 24.93
CA SER A 236 11.14 7.60 25.26
C SER A 236 11.32 6.99 26.66
N ARG A 237 10.25 6.94 27.45
CA ARG A 237 10.29 6.40 28.80
C ARG A 237 9.52 5.11 28.88
N VAL A 238 9.00 4.62 27.76
CA VAL A 238 8.24 3.36 27.75
C VAL A 238 9.09 2.15 27.37
N GLU A 239 8.66 1.01 27.88
CA GLU A 239 9.29 -0.24 27.60
C GLU A 239 8.87 -0.75 26.22
N PRO A 240 9.84 -1.17 25.36
CA PRO A 240 9.40 -1.81 24.10
C PRO A 240 8.57 -3.07 24.35
N LEU A 241 8.93 -3.84 25.38
CA LEU A 241 8.10 -4.95 25.87
C LEU A 241 7.92 -4.83 27.39
N PRO A 242 6.78 -4.24 27.83
CA PRO A 242 6.46 -3.96 29.22
C PRO A 242 6.18 -5.24 30.01
N PRO A 243 6.33 -5.18 31.35
CA PRO A 243 6.16 -6.41 32.11
C PRO A 243 4.71 -6.83 32.28
N HIS A 244 4.55 -8.10 32.62
CA HIS A 244 3.28 -8.70 33.00
C HIS A 244 2.73 -7.97 34.23
N LEU A 245 1.40 -7.87 34.26
CA LEU A 245 0.63 -7.22 35.31
C LEU A 245 -0.37 -8.23 35.81
N PRO A 246 -0.08 -8.88 36.95
CA PRO A 246 -0.94 -9.99 37.40
C PRO A 246 -2.44 -9.64 37.48
N LEU A 247 -3.28 -10.57 37.06
CA LEU A 247 -4.73 -10.44 37.16
C LEU A 247 -5.23 -11.48 38.14
N GLU A 248 -6.12 -11.10 39.05
CA GLU A 248 -6.67 -12.10 39.94
C GLU A 248 -8.19 -12.05 39.93
N GLU A 249 -8.81 -13.19 40.21
CA GLU A 249 -10.27 -13.29 40.25
C GLU A 249 -10.85 -12.23 41.18
N PRO A 250 -12.05 -11.71 40.85
CA PRO A 250 -12.73 -10.88 41.86
C PRO A 250 -12.93 -11.66 43.17
N ALA A 251 -12.51 -11.09 44.31
CA ALA A 251 -12.66 -11.76 45.62
C ALA A 251 -13.87 -11.23 46.42
N ASP A 252 -15.05 -11.45 45.84
CA ASP A 252 -16.31 -10.95 46.36
C ASP A 252 -17.43 -11.57 45.53
N GLU A 253 -17.08 -12.66 44.82
CA GLU A 253 -17.96 -13.33 43.86
C GLU A 253 -18.48 -12.32 42.84
N GLY A 254 -17.58 -11.41 42.43
CA GLY A 254 -17.82 -10.47 41.35
C GLY A 254 -18.82 -9.35 41.60
N LEU A 255 -19.06 -9.03 42.87
CA LEU A 255 -20.05 -8.03 43.24
C LEU A 255 -19.77 -6.68 42.60
N GLU A 256 -18.50 -6.26 42.67
CA GLU A 256 -18.09 -4.98 42.15
C GLU A 256 -18.14 -4.97 40.64
N LEU A 257 -17.69 -6.05 40.00
CA LEU A 257 -17.84 -6.21 38.56
C LEU A 257 -19.29 -5.97 38.12
N GLY A 258 -20.23 -6.66 38.78
CA GLY A 258 -21.64 -6.67 38.41
C GLY A 258 -22.24 -5.31 38.69
N THR A 259 -21.76 -4.68 39.76
CA THR A 259 -22.18 -3.32 40.14
C THR A 259 -21.67 -2.30 39.14
N GLN A 260 -20.47 -2.56 38.62
CA GLN A 260 -19.82 -1.65 37.66
C GLN A 260 -20.53 -1.71 36.31
N VAL A 261 -20.60 -2.93 35.77
CA VAL A 261 -21.35 -3.28 34.56
C VAL A 261 -22.77 -2.69 34.49
N LEU A 262 -23.54 -2.83 35.55
CA LEU A 262 -24.89 -2.27 35.56
C LEU A 262 -24.88 -0.73 35.51
N ASP A 263 -23.90 -0.14 36.19
CA ASP A 263 -23.75 1.32 36.27
C ASP A 263 -23.12 1.88 34.99
N PHE A 264 -22.20 1.13 34.41
CA PHE A 264 -21.64 1.44 33.08
C PHE A 264 -22.79 1.63 32.07
N LEU A 265 -23.54 0.55 31.83
CA LEU A 265 -24.72 0.54 30.96
C LEU A 265 -25.71 1.68 31.30
N HIS A 266 -26.06 1.85 32.58
CA HIS A 266 -26.95 2.97 32.95
C HIS A 266 -26.36 4.28 32.45
N PHE A 267 -25.06 4.49 32.67
CA PHE A 267 -24.37 5.74 32.35
C PHE A 267 -24.45 6.07 30.87
N PHE A 268 -24.12 5.09 30.05
CA PHE A 268 -24.13 5.27 28.61
C PHE A 268 -25.54 5.25 28.04
N LEU A 269 -26.50 4.76 28.84
CA LEU A 269 -27.91 4.74 28.47
C LEU A 269 -28.63 6.00 28.91
N HIS A 270 -28.62 6.30 30.21
CA HIS A 270 -29.44 7.39 30.80
C HIS A 270 -28.69 8.64 31.33
N GLU A 271 -27.36 8.64 31.30
CA GLU A 271 -26.59 9.80 31.81
C GLU A 271 -25.73 10.50 30.78
N PHE A 272 -25.07 9.72 29.91
CA PHE A 272 -24.29 10.31 28.83
C PHE A 272 -25.24 10.85 27.73
N ASP A 273 -25.12 12.16 27.45
CA ASP A 273 -25.97 12.85 26.47
C ASP A 273 -25.25 12.90 25.12
N SER A 274 -25.53 11.92 24.26
CA SER A 274 -24.82 11.76 22.98
C SER A 274 -25.04 12.87 21.97
N ASP A 275 -26.12 13.63 22.12
CA ASP A 275 -26.36 14.73 21.21
C ASP A 275 -25.47 15.90 21.48
N LYS A 276 -25.01 16.02 22.72
CA LYS A 276 -24.30 17.20 23.14
C LYS A 276 -22.93 16.89 23.69
N GLN A 277 -22.60 15.63 23.85
CA GLN A 277 -21.34 15.30 24.52
C GLN A 277 -20.38 14.40 23.77
N VAL A 278 -19.12 14.50 24.19
CA VAL A 278 -17.99 13.77 23.64
C VAL A 278 -17.29 12.98 24.76
N ILE A 279 -17.19 11.66 24.56
CA ILE A 279 -16.33 10.77 25.34
C ILE A 279 -14.86 11.17 25.06
N SER A 280 -14.20 11.70 26.08
CA SER A 280 -12.85 12.24 25.96
C SER A 280 -12.03 12.11 27.24
N LEU A 281 -10.74 11.79 27.07
CA LEU A 281 -9.74 11.68 28.15
C LEU A 281 -8.74 12.86 28.05
N ASN A 282 -9.08 13.84 27.22
CA ASN A 282 -8.20 14.97 27.00
C ASN A 282 -8.33 16.00 28.14
N ARG A 283 -9.45 15.93 28.87
CA ARG A 283 -9.83 16.88 29.93
C ARG A 283 -10.67 16.15 30.98
N PRO A 284 -10.59 16.54 32.28
CA PRO A 284 -11.58 15.96 33.20
C PRO A 284 -12.90 16.76 33.10
N GLY A 285 -14.02 16.15 33.47
CA GLY A 285 -15.32 16.83 33.28
C GLY A 285 -15.99 16.57 31.94
N ILE A 286 -16.85 17.51 31.50
CA ILE A 286 -17.60 17.37 30.25
C ILE A 286 -16.87 18.09 29.13
N THR A 287 -16.86 17.45 27.95
CA THR A 287 -16.46 18.05 26.68
C THR A 287 -17.71 18.05 25.78
N THR A 288 -18.00 19.18 25.14
CA THR A 288 -19.17 19.30 24.24
C THR A 288 -18.71 19.11 22.81
N LYS A 289 -19.62 18.65 21.96
CA LYS A 289 -19.42 18.60 20.52
C LYS A 289 -19.24 19.99 19.99
N GLU A 290 -20.04 20.92 20.49
CA GLU A 290 -19.95 22.32 20.10
C GLU A 290 -18.58 22.97 20.25
N GLU A 291 -17.92 22.80 21.39
CA GLU A 291 -16.52 23.28 21.47
C GLU A 291 -15.54 22.64 20.46
N LEU A 292 -15.88 21.47 19.89
CA LEU A 292 -14.97 20.74 18.95
C LEU A 292 -15.29 21.01 17.48
N ASP A 293 -16.49 21.53 17.23
CA ASP A 293 -17.05 21.69 15.87
C ASP A 293 -17.38 20.34 15.24
N TRP A 294 -17.83 19.44 16.10
CA TRP A 294 -18.23 18.10 15.71
C TRP A 294 -19.73 18.15 15.58
N THR A 295 -20.20 18.81 14.53
CA THR A 295 -21.61 19.10 14.35
C THR A 295 -22.08 18.60 12.98
N LYS A 296 -23.38 18.75 12.71
CA LYS A 296 -23.95 18.45 11.37
C LYS A 296 -23.25 19.19 10.22
N SER A 297 -23.11 20.49 10.35
CA SER A 297 -22.22 21.26 9.47
C SER A 297 -20.82 20.62 9.20
N ALA A 298 -20.14 20.13 10.25
CA ALA A 298 -18.86 19.44 10.07
C ALA A 298 -18.92 18.15 9.25
N GLU A 299 -20.00 17.39 9.42
CA GLU A 299 -20.24 16.15 8.64
C GLU A 299 -20.30 16.34 7.14
N ASP A 300 -21.01 17.39 6.72
CA ASP A 300 -21.07 17.79 5.31
C ASP A 300 -19.66 18.05 4.78
N PHE A 301 -18.83 18.77 5.53
CA PHE A 301 -17.46 19.09 5.08
C PHE A 301 -16.47 17.92 5.20
N ALA A 302 -16.74 17.03 6.14
CA ALA A 302 -15.86 15.92 6.46
C ALA A 302 -15.62 14.91 5.33
N ARG A 303 -14.71 13.98 5.65
CA ARG A 303 -14.22 12.84 4.85
C ARG A 303 -12.97 12.37 5.62
N MET A 304 -12.98 11.12 6.03
CA MET A 304 -11.85 10.52 6.75
C MET A 304 -11.59 9.14 6.20
N ASN A 305 -10.30 8.83 5.99
CA ASN A 305 -9.86 7.52 5.48
C ASN A 305 -10.27 7.36 3.99
N GLY A 306 -11.00 8.36 3.48
CA GLY A 306 -11.58 8.32 2.14
C GLY A 306 -13.10 8.49 2.13
N GLU A 307 -13.71 8.49 3.32
CA GLU A 307 -15.19 8.50 3.43
C GLU A 307 -15.85 9.52 4.39
N LYS A 308 -17.12 9.26 4.69
CA LYS A 308 -17.96 10.12 5.51
C LYS A 308 -17.58 9.87 6.97
N VAL A 309 -17.38 10.95 7.72
CA VAL A 309 -17.24 10.82 9.14
C VAL A 309 -18.60 11.17 9.69
N HIS A 310 -19.01 10.48 10.74
CA HIS A 310 -20.24 10.74 11.45
C HIS A 310 -19.90 11.31 12.83
N TYR A 311 -20.77 12.16 13.35
CA TYR A 311 -20.57 12.75 14.68
C TYR A 311 -21.78 12.52 15.57
N GLN A 312 -22.34 11.33 15.45
CA GLN A 312 -23.49 10.86 16.22
C GLN A 312 -23.15 10.39 17.61
N TRP A 313 -22.07 9.63 17.67
CA TRP A 313 -21.48 9.05 18.87
C TRP A 313 -20.06 9.51 18.84
N CYS A 314 -19.71 10.42 19.73
CA CYS A 314 -18.40 11.10 19.69
C CYS A 314 -17.42 10.57 20.74
N ILE A 315 -16.25 10.13 20.25
CA ILE A 315 -15.17 9.60 21.09
C ILE A 315 -13.93 10.28 20.58
N GLU A 316 -13.33 11.13 21.38
CA GLU A 316 -12.14 11.87 20.99
C GLU A 316 -10.82 11.08 21.14
N ASP A 317 -10.00 11.08 20.10
CA ASP A 317 -8.68 10.44 20.19
C ASP A 317 -7.71 11.38 20.92
N PRO A 318 -7.06 10.87 21.99
CA PRO A 318 -6.27 11.70 22.91
C PRO A 318 -5.11 12.41 22.23
N TYR A 319 -4.62 11.82 21.12
CA TYR A 319 -3.37 12.24 20.46
C TYR A 319 -3.53 12.74 19.04
N GLU A 320 -4.44 12.16 18.27
CA GLU A 320 -4.54 12.52 16.84
C GLU A 320 -5.40 13.76 16.70
N LEU A 321 -5.10 14.59 15.72
CA LEU A 321 -5.82 15.86 15.61
C LEU A 321 -7.18 15.62 14.98
N ASN A 322 -8.24 16.06 15.67
CA ASN A 322 -9.58 16.02 15.09
C ASN A 322 -10.07 14.63 14.62
N LEU A 323 -9.68 13.58 15.33
CA LEU A 323 -10.10 12.21 15.05
C LEU A 323 -11.24 11.72 15.95
N ASN A 324 -12.40 11.46 15.36
CA ASN A 324 -13.45 10.83 16.09
C ASN A 324 -13.37 9.30 15.91
N VAL A 325 -13.11 8.57 17.01
CA VAL A 325 -13.01 7.11 17.03
C VAL A 325 -14.38 6.52 16.79
N GLY A 326 -15.40 7.34 17.06
CA GLY A 326 -16.81 6.96 16.84
C GLY A 326 -17.31 7.37 15.44
N ARG A 327 -16.37 7.61 14.54
CA ARG A 327 -16.66 8.21 13.20
C ARG A 327 -17.56 7.35 12.31
N ASN A 328 -17.58 6.03 12.59
CA ASN A 328 -18.35 5.06 11.79
C ASN A 328 -19.75 4.78 12.35
N VAL A 329 -20.08 5.42 13.48
CA VAL A 329 -21.35 5.21 14.13
C VAL A 329 -22.42 6.07 13.43
N THR A 330 -23.14 5.43 12.52
CA THR A 330 -24.23 6.03 11.73
C THR A 330 -25.44 6.19 12.62
N PRO A 331 -26.43 6.95 12.15
CA PRO A 331 -27.61 7.04 13.01
C PRO A 331 -28.20 5.68 13.38
N LEU A 332 -28.21 4.75 12.42
CA LEU A 332 -28.66 3.34 12.62
C LEU A 332 -27.82 2.57 13.66
N LYS A 333 -26.51 2.64 13.54
CA LYS A 333 -25.61 1.98 14.49
C LYS A 333 -25.70 2.61 15.88
N ARG A 334 -25.93 3.91 15.93
CA ARG A 334 -26.26 4.55 17.20
C ARG A 334 -27.54 3.92 17.81
N ASP A 335 -28.55 3.67 16.96
CA ASP A 335 -29.74 2.84 17.31
C ASP A 335 -29.39 1.44 17.88
N PHE A 336 -28.58 0.67 17.14
CA PHE A 336 -28.25 -0.70 17.56
C PHE A 336 -27.55 -0.68 18.90
N LEU A 337 -26.65 0.30 19.07
CA LEU A 337 -25.85 0.42 20.26
C LEU A 337 -26.72 0.62 21.48
N ARG A 338 -27.69 1.52 21.40
CA ARG A 338 -28.60 1.75 22.51
C ARG A 338 -29.39 0.49 22.86
N ARG A 339 -29.82 -0.25 21.84
CA ARG A 339 -30.64 -1.44 22.01
C ARG A 339 -29.88 -2.46 22.80
N HIS A 340 -28.64 -2.70 22.41
CA HIS A 340 -27.78 -3.64 23.11
C HIS A 340 -27.45 -3.19 24.53
N LEU A 341 -27.25 -1.89 24.74
CA LEU A 341 -27.07 -1.32 26.08
C LEU A 341 -28.29 -1.56 26.98
N GLU A 342 -29.49 -1.55 26.39
CA GLU A 342 -30.74 -1.90 27.10
C GLU A 342 -30.83 -3.41 27.37
N LYS A 343 -30.54 -4.21 26.35
CA LYS A 343 -30.58 -5.69 26.34
C LYS A 343 -29.44 -6.36 27.17
N ALA A 344 -28.40 -5.59 27.51
CA ALA A 344 -27.26 -6.09 28.30
C ALA A 344 -27.53 -6.09 29.82
N ARG A 345 -28.41 -5.18 30.25
CA ARG A 345 -28.91 -5.09 31.62
C ARG A 345 -29.59 -6.37 32.16
N ASP A 346 -30.26 -7.09 31.26
CA ASP A 346 -31.09 -8.23 31.63
C ASP A 346 -30.40 -9.57 31.30
N THR A 347 -29.41 -9.54 30.42
CA THR A 347 -28.65 -10.76 30.01
C THR A 347 -27.25 -10.89 30.62
N ALA A 348 -26.90 -9.98 31.54
CA ALA A 348 -25.54 -9.86 32.11
C ALA A 348 -24.45 -9.92 31.05
N LEU A 349 -24.52 -9.01 30.08
CA LEU A 349 -23.63 -8.99 28.91
C LEU A 349 -23.60 -10.33 28.14
N LEU A 350 -24.80 -10.84 27.84
CA LEU A 350 -25.01 -12.12 27.12
C LEU A 350 -24.50 -13.38 27.84
N THR A 351 -24.57 -13.39 29.16
CA THR A 351 -24.06 -14.55 29.93
C THR A 351 -25.17 -15.26 30.71
N ILE A 352 -26.08 -14.47 31.29
CA ILE A 352 -27.19 -14.99 32.08
C ILE A 352 -28.30 -15.62 31.24
N VAL A 353 -28.22 -15.46 29.91
CA VAL A 353 -29.13 -16.14 28.98
C VAL A 353 -28.85 -17.66 28.97
N PRO B 23 24.08 -24.61 -18.80
CA PRO B 23 23.57 -23.24 -18.98
C PRO B 23 24.04 -22.32 -17.82
N SER B 24 25.30 -21.90 -17.88
CA SER B 24 25.97 -21.21 -16.76
C SER B 24 25.74 -19.69 -16.79
N PRO B 25 25.63 -19.04 -15.62
CA PRO B 25 25.61 -17.58 -15.52
C PRO B 25 26.76 -16.87 -16.26
N ALA B 26 28.00 -17.32 -16.07
CA ALA B 26 29.16 -16.72 -16.76
C ALA B 26 29.15 -17.00 -18.25
N VAL B 27 28.69 -18.19 -18.62
CA VAL B 27 28.57 -18.65 -20.01
C VAL B 27 27.46 -17.91 -20.76
N VAL B 28 26.34 -17.65 -20.07
CA VAL B 28 25.21 -16.87 -20.62
C VAL B 28 25.57 -15.40 -20.79
N GLY B 29 26.21 -14.83 -19.76
CA GLY B 29 26.69 -13.45 -19.80
C GLY B 29 27.77 -13.21 -20.85
N ARG B 30 28.66 -14.19 -21.03
CA ARG B 30 29.65 -14.16 -22.10
C ARG B 30 28.99 -14.06 -23.48
N SER B 31 27.99 -14.90 -23.72
CA SER B 31 27.26 -14.93 -24.99
C SER B 31 26.48 -13.64 -25.23
N LEU B 32 25.76 -13.18 -24.20
CA LEU B 32 24.99 -11.94 -24.29
C LEU B 32 25.87 -10.73 -24.65
N VAL B 33 27.02 -10.59 -23.99
CA VAL B 33 27.95 -9.52 -24.30
C VAL B 33 28.36 -9.56 -25.77
N ASN B 34 28.76 -10.75 -26.23
CA ASN B 34 29.17 -10.99 -27.63
C ASN B 34 28.11 -10.66 -28.67
N SER B 35 26.84 -10.87 -28.31
CA SER B 35 25.72 -10.59 -29.20
C SER B 35 25.40 -9.11 -29.37
N PHE B 36 26.04 -8.26 -28.55
CA PHE B 36 25.79 -6.81 -28.60
C PHE B 36 26.96 -6.01 -29.18
N LYS B 37 27.82 -6.69 -29.94
CA LYS B 37 29.07 -6.08 -30.45
C LYS B 37 28.87 -5.04 -31.55
N GLN B 38 27.99 -5.33 -32.49
CA GLN B 38 27.56 -4.39 -33.53
C GLN B 38 26.78 -3.21 -32.92
N PHE B 39 26.16 -3.46 -31.77
CA PHE B 39 25.38 -2.45 -31.05
C PHE B 39 26.28 -1.52 -30.22
N VAL B 40 27.21 -2.11 -29.47
CA VAL B 40 28.16 -1.36 -28.63
C VAL B 40 29.14 -0.55 -29.51
N SER B 41 29.31 -1.00 -30.75
CA SER B 41 30.10 -0.33 -31.77
C SER B 41 29.52 1.04 -32.15
N LYS B 42 28.21 1.08 -32.33
CA LYS B 42 27.49 2.27 -32.79
C LYS B 42 27.51 3.44 -31.79
N ASP B 43 27.30 4.66 -32.31
CA ASP B 43 27.12 5.86 -31.49
C ASP B 43 25.67 5.92 -30.99
N LEU B 44 25.52 6.11 -29.68
CA LEU B 44 24.22 6.06 -29.00
C LEU B 44 23.68 7.43 -28.51
N HIS B 45 24.45 8.49 -28.77
CA HIS B 45 24.08 9.86 -28.40
C HIS B 45 22.72 10.33 -28.92
N THR B 46 22.10 11.24 -28.18
CA THR B 46 20.74 11.71 -28.45
C THR B 46 20.70 13.02 -29.26
N ARG B 47 21.83 13.38 -29.86
CA ARG B 47 22.01 14.67 -30.55
C ARG B 47 21.01 14.93 -31.69
N HIS B 48 20.72 13.87 -32.47
CA HIS B 48 19.78 13.95 -33.60
C HIS B 48 18.33 14.11 -33.18
N VAL B 49 18.00 13.56 -32.02
CA VAL B 49 16.67 13.65 -31.43
C VAL B 49 16.40 15.07 -30.91
N ASP B 50 17.45 15.72 -30.41
CA ASP B 50 17.41 17.13 -30.00
C ASP B 50 17.26 18.09 -31.20
N ALA B 51 18.06 17.86 -32.24
CA ALA B 51 17.98 18.62 -33.47
C ALA B 51 16.63 18.46 -34.13
N THR B 52 16.03 17.27 -34.02
CA THR B 52 14.66 17.03 -34.51
C THR B 52 13.64 17.78 -33.66
N TYR B 53 13.92 17.86 -32.36
CA TYR B 53 13.00 18.44 -31.37
C TYR B 53 12.76 19.95 -31.51
N ARG B 54 13.84 20.72 -31.76
CA ARG B 54 13.71 22.16 -31.99
C ARG B 54 12.86 22.44 -33.26
N LEU B 55 13.21 21.73 -34.34
CA LEU B 55 12.43 21.69 -35.60
C LEU B 55 10.92 21.49 -35.43
N VAL B 56 10.55 20.65 -34.48
CA VAL B 56 9.14 20.35 -34.22
C VAL B 56 8.50 21.42 -33.30
N LEU B 57 9.34 22.08 -32.47
CA LEU B 57 8.89 23.15 -31.59
C LEU B 57 8.57 24.45 -32.34
N ASP B 58 9.23 24.66 -33.48
CA ASP B 58 8.97 25.80 -34.36
C ASP B 58 7.63 25.71 -35.08
N CYS B 59 7.14 24.49 -35.27
CA CYS B 59 5.87 24.25 -35.94
C CYS B 59 4.68 24.43 -34.99
N VAL B 60 4.91 24.18 -33.70
CA VAL B 60 3.92 24.33 -32.62
C VAL B 60 3.82 25.79 -32.14
N ALA B 61 4.95 26.49 -32.11
CA ALA B 61 4.98 27.93 -31.81
C ALA B 61 4.04 28.75 -32.70
N ALA B 62 3.81 28.27 -33.92
CA ALA B 62 2.86 28.89 -34.87
C ALA B 62 1.43 28.56 -34.50
N VAL B 63 1.19 27.31 -34.10
CA VAL B 63 -0.11 26.85 -33.63
C VAL B 63 -0.28 27.14 -32.11
N ASP B 64 0.59 28.02 -31.59
CA ASP B 64 0.56 28.61 -30.23
C ASP B 64 1.97 28.71 -29.65
N MET B 67 1.24 26.58 -26.13
CA MET B 67 1.44 25.15 -26.33
C MET B 67 2.91 24.68 -26.23
N ARG B 68 3.14 23.74 -25.31
CA ARG B 68 4.47 23.19 -25.03
C ARG B 68 4.62 21.75 -25.57
N LEU B 69 5.87 21.29 -25.73
CA LEU B 69 6.15 19.99 -26.40
C LEU B 69 7.07 19.06 -25.58
N TYR B 70 6.86 17.73 -25.74
CA TYR B 70 7.49 16.68 -24.91
C TYR B 70 7.95 15.44 -25.71
N THR B 71 9.17 14.96 -25.43
CA THR B 71 9.63 13.66 -25.93
C THR B 71 9.25 12.54 -24.95
N PHE B 72 8.86 11.38 -25.48
CA PHE B 72 8.59 10.20 -24.69
C PHE B 72 9.01 8.90 -25.41
N GLY B 73 8.93 7.78 -24.72
CA GLY B 73 9.31 6.47 -25.28
C GLY B 73 10.73 6.05 -24.96
N SER B 74 11.19 5.01 -25.65
CA SER B 74 12.52 4.43 -25.47
C SER B 74 13.72 5.39 -25.28
N THR B 75 13.74 6.52 -26.00
CA THR B 75 14.86 7.48 -25.93
C THR B 75 14.89 8.19 -24.58
N VAL B 76 13.70 8.44 -24.03
CA VAL B 76 13.58 8.95 -22.68
C VAL B 76 13.95 7.86 -21.66
N VAL B 77 13.28 6.70 -21.74
CA VAL B 77 13.50 5.59 -20.82
C VAL B 77 14.98 5.25 -20.66
N TYR B 78 15.71 5.18 -21.78
CA TYR B 78 17.11 4.75 -21.76
C TYR B 78 18.15 5.86 -21.75
N GLY B 79 17.80 7.03 -22.30
CA GLY B 79 18.77 8.10 -22.43
C GLY B 79 19.75 7.82 -23.56
N VAL B 80 19.37 6.91 -24.45
CA VAL B 80 20.11 6.61 -25.68
C VAL B 80 19.16 6.52 -26.89
N HIS B 81 19.67 6.98 -28.03
CA HIS B 81 19.02 6.77 -29.32
C HIS B 81 19.99 6.03 -30.22
N GLU B 82 19.54 4.90 -30.77
CA GLU B 82 20.27 4.20 -31.82
C GLU B 82 19.85 4.72 -33.20
N LYS B 83 20.83 4.76 -34.11
CA LYS B 83 20.77 5.60 -35.32
C LYS B 83 19.49 5.57 -36.19
N GLY B 84 18.83 4.42 -36.27
CA GLY B 84 17.71 4.25 -37.20
C GLY B 84 16.28 4.20 -36.67
N SER B 85 16.11 3.89 -35.38
CA SER B 85 14.78 3.66 -34.78
C SER B 85 13.86 4.89 -34.64
N ASP B 86 12.60 4.62 -34.28
CA ASP B 86 11.55 5.64 -34.20
C ASP B 86 11.61 6.46 -32.90
N VAL B 87 11.02 7.65 -32.95
CA VAL B 87 10.96 8.59 -31.82
C VAL B 87 9.52 9.08 -31.67
N ASP B 88 9.10 9.37 -30.44
CA ASP B 88 7.74 9.81 -30.15
C ASP B 88 7.75 11.20 -29.54
N PHE B 89 6.91 12.08 -30.07
CA PHE B 89 6.64 13.36 -29.41
C PHE B 89 5.16 13.43 -29.08
N VAL B 90 4.77 14.40 -28.23
CA VAL B 90 3.35 14.69 -27.94
C VAL B 90 3.22 16.18 -27.61
N VAL B 91 2.20 16.83 -28.17
CA VAL B 91 1.94 18.23 -27.84
C VAL B 91 0.81 18.39 -26.81
N LEU B 92 1.07 19.19 -25.78
CA LEU B 92 0.27 19.14 -24.56
C LEU B 92 -0.35 20.46 -24.10
N ASN B 93 -1.60 20.37 -23.64
CA ASN B 93 -2.18 21.39 -22.76
C ASN B 93 -2.35 20.88 -21.34
N LYS B 94 -1.63 21.53 -20.43
CA LYS B 94 -1.53 21.19 -18.99
C LYS B 94 -0.50 20.09 -18.69
N VAL B 109 -15.21 13.32 -27.58
CA VAL B 109 -15.25 14.32 -26.49
C VAL B 109 -13.86 14.93 -26.23
N ALA B 110 -12.85 14.07 -26.08
CA ALA B 110 -11.45 14.48 -25.99
C ALA B 110 -10.70 13.97 -27.22
N LYS B 111 -11.28 12.96 -27.88
CA LYS B 111 -10.80 12.42 -29.15
C LYS B 111 -11.31 13.29 -30.30
N GLY B 112 -12.28 14.16 -29.97
CA GLY B 112 -12.72 15.21 -30.88
C GLY B 112 -11.57 16.19 -31.10
N LEU B 113 -11.35 17.05 -30.11
CA LEU B 113 -10.29 18.08 -30.15
C LEU B 113 -8.88 17.54 -30.41
N GLN B 114 -8.76 16.22 -30.49
CA GLN B 114 -7.49 15.57 -30.77
C GLN B 114 -7.01 15.89 -32.18
N ALA B 115 -7.85 15.58 -33.16
CA ALA B 115 -7.52 15.81 -34.58
C ALA B 115 -7.47 17.30 -34.90
N ASP B 116 -8.22 18.10 -34.16
CA ASP B 116 -8.30 19.56 -34.36
C ASP B 116 -7.02 20.29 -33.91
N ILE B 117 -5.88 19.58 -33.99
CA ILE B 117 -4.56 20.13 -33.67
C ILE B 117 -3.47 19.24 -34.31
N LEU B 118 -3.90 18.09 -34.84
CA LEU B 118 -3.02 17.22 -35.62
C LEU B 118 -3.34 17.33 -37.11
N ALA B 119 -3.93 18.46 -37.46
CA ALA B 119 -4.18 18.83 -38.85
C ALA B 119 -3.79 20.30 -39.02
N LYS B 120 -3.98 21.09 -37.97
CA LYS B 120 -3.52 22.49 -37.94
C LYS B 120 -2.02 22.52 -37.66
N LEU B 121 -1.48 21.36 -37.26
CA LEU B 121 -0.04 21.22 -37.04
C LEU B 121 0.64 20.48 -38.20
N ALA B 122 -0.02 19.45 -38.71
CA ALA B 122 0.47 18.71 -39.88
C ALA B 122 0.53 19.58 -41.16
N ARG B 123 -0.26 20.64 -41.18
CA ARG B 123 -0.24 21.66 -42.24
C ARG B 123 0.97 22.57 -42.08
N VAL B 124 1.33 22.87 -40.83
CA VAL B 124 2.40 23.82 -40.51
C VAL B 124 3.79 23.19 -40.58
N ILE B 125 3.86 21.86 -40.48
CA ILE B 125 5.13 21.16 -40.70
C ILE B 125 5.40 20.95 -42.19
N ARG B 126 4.32 20.83 -42.97
CA ARG B 126 4.38 20.74 -44.44
C ARG B 126 4.81 22.09 -45.02
N GLN B 127 4.25 23.16 -44.45
CA GLN B 127 4.57 24.53 -44.83
C GLN B 127 6.04 24.82 -44.55
N LYS B 128 6.50 24.47 -43.35
CA LYS B 128 7.84 24.79 -42.89
C LYS B 128 8.92 23.83 -43.43
N HIS B 129 8.50 22.63 -43.85
CA HIS B 129 9.43 21.61 -44.39
C HIS B 129 8.80 20.84 -45.55
N LEU B 130 8.98 21.35 -46.76
CA LEU B 130 8.19 20.95 -47.94
C LEU B 130 8.58 19.63 -48.65
N SER B 131 9.73 19.06 -48.29
CA SER B 131 10.21 17.81 -48.90
C SER B 131 9.85 16.55 -48.10
N TRP B 132 9.37 16.76 -46.88
CA TRP B 132 9.14 15.69 -45.90
C TRP B 132 7.92 14.82 -46.17
N ASN B 133 8.06 13.51 -45.97
CA ASN B 133 6.92 12.59 -45.96
C ASN B 133 6.14 12.83 -44.65
N VAL B 134 4.84 13.08 -44.76
CA VAL B 134 4.03 13.50 -43.61
C VAL B 134 2.56 13.05 -43.67
N GLU B 135 2.21 12.11 -42.79
CA GLU B 135 0.89 11.46 -42.78
C GLU B 135 -0.07 12.02 -41.75
N GLU B 136 -1.31 11.54 -41.83
CA GLU B 136 -2.34 11.70 -40.80
C GLU B 136 -3.06 10.35 -40.73
N VAL B 137 -2.35 9.36 -40.20
CA VAL B 137 -2.75 7.95 -40.26
C VAL B 137 -4.16 7.67 -39.73
N ARG B 138 -4.88 6.77 -40.41
CA ARG B 138 -6.22 6.33 -39.99
C ARG B 138 -6.37 4.82 -40.14
N PRO B 143 -4.45 7.96 -32.88
CA PRO B 143 -4.66 9.36 -33.28
C PRO B 143 -3.32 10.15 -33.43
N VAL B 144 -2.59 9.88 -34.51
CA VAL B 144 -1.17 10.24 -34.66
C VAL B 144 -0.80 10.81 -36.05
N VAL B 145 0.26 11.63 -36.10
CA VAL B 145 0.83 12.16 -37.34
C VAL B 145 2.25 11.59 -37.53
N ARG B 146 2.45 10.87 -38.63
CA ARG B 146 3.71 10.15 -38.87
C ARG B 146 4.61 10.81 -39.92
N VAL B 147 5.81 11.21 -39.48
CA VAL B 147 6.70 12.03 -40.30
C VAL B 147 8.07 11.38 -40.56
N LYS B 148 8.54 11.51 -41.81
CA LYS B 148 9.91 11.17 -42.24
C LYS B 148 10.56 12.43 -42.86
N GLY B 149 11.83 12.33 -43.26
CA GLY B 149 12.48 13.43 -43.97
C GLY B 149 14.00 13.42 -44.00
N GLY B 150 14.58 14.62 -44.04
CA GLY B 150 16.04 14.81 -44.00
C GLY B 150 16.42 15.90 -43.01
N GLY B 151 17.21 15.52 -42.00
CA GLY B 151 17.56 16.43 -40.89
C GLY B 151 16.75 16.14 -39.64
N ALA B 152 15.74 15.29 -39.79
CA ALA B 152 14.92 14.79 -38.68
C ALA B 152 15.06 13.27 -38.58
N VAL B 153 14.87 12.75 -37.37
CA VAL B 153 14.71 11.30 -37.18
C VAL B 153 13.25 10.92 -37.48
N ASP B 154 13.01 9.71 -37.97
CA ASP B 154 11.65 9.22 -38.19
C ASP B 154 10.88 9.31 -36.87
N PHE B 155 9.78 10.07 -36.86
CA PHE B 155 9.00 10.26 -35.62
C PHE B 155 7.47 10.17 -35.76
N ASP B 156 6.81 9.76 -34.67
CA ASP B 156 5.36 9.82 -34.51
C ASP B 156 4.95 10.98 -33.60
N ILE B 157 3.85 11.64 -33.90
CA ILE B 157 3.36 12.73 -33.03
C ILE B 157 1.86 12.72 -32.78
N THR B 158 1.51 12.74 -31.49
CA THR B 158 0.13 12.82 -31.02
C THR B 158 -0.06 14.07 -30.14
N ALA B 159 -1.26 14.25 -29.58
CA ALA B 159 -1.55 15.45 -28.78
C ALA B 159 -2.33 15.18 -27.47
N TYR B 160 -2.18 16.09 -26.51
CA TYR B 160 -3.07 16.19 -25.33
C TYR B 160 -3.10 15.01 -24.33
N ARG B 161 -2.29 13.98 -24.57
CA ARG B 161 -2.21 12.84 -23.67
C ARG B 161 -0.88 12.87 -22.93
N ARG B 162 -0.92 12.76 -21.61
CA ARG B 162 0.24 13.03 -20.74
C ARG B 162 0.89 11.78 -20.12
N ASN B 163 0.24 10.62 -20.27
CA ASN B 163 0.71 9.42 -19.61
C ASN B 163 1.99 8.83 -20.22
N GLY B 164 2.17 9.03 -21.52
CA GLY B 164 3.34 8.56 -22.26
C GLY B 164 4.58 9.25 -21.74
N VAL B 165 4.48 10.56 -21.54
CA VAL B 165 5.58 11.33 -20.93
C VAL B 165 5.69 11.07 -19.43
N ARG B 166 4.59 10.64 -18.83
CA ARG B 166 4.57 10.40 -17.39
C ARG B 166 5.13 9.02 -17.02
N ASN B 167 4.83 8.00 -17.81
CA ASN B 167 5.44 6.70 -17.54
C ASN B 167 6.84 6.48 -18.12
N SER B 168 7.21 7.25 -19.15
CA SER B 168 8.61 7.30 -19.60
C SER B 168 9.52 7.94 -18.58
N ALA B 169 9.01 8.95 -17.88
CA ALA B 169 9.73 9.61 -16.78
C ALA B 169 9.94 8.70 -15.58
N LEU B 170 8.95 7.89 -15.27
CA LEU B 170 9.05 6.92 -14.18
C LEU B 170 10.15 5.88 -14.47
N LEU B 171 10.11 5.28 -15.66
CA LEU B 171 11.05 4.22 -16.07
C LEU B 171 12.45 4.76 -16.17
N ARG B 172 12.57 5.94 -16.79
CA ARG B 172 13.79 6.76 -16.74
C ARG B 172 14.36 6.96 -15.34
N ALA B 173 13.52 7.31 -14.36
CA ALA B 173 13.98 7.48 -12.96
C ALA B 173 14.53 6.19 -12.32
N TYR B 174 13.86 5.08 -12.59
CA TYR B 174 14.35 3.74 -12.19
C TYR B 174 15.71 3.43 -12.81
N PHE B 175 15.86 3.55 -14.12
CA PHE B 175 17.18 3.27 -14.75
C PHE B 175 18.29 4.27 -14.37
N GLU B 176 17.94 5.48 -13.94
CA GLU B 176 18.95 6.41 -13.43
C GLU B 176 19.51 5.92 -12.10
N GLN B 177 18.67 5.24 -11.32
CA GLN B 177 19.10 4.72 -10.03
C GLN B 177 20.19 3.65 -10.21
N ASN B 178 20.21 3.01 -11.38
CA ASN B 178 21.09 1.86 -11.68
C ASN B 178 21.23 1.66 -13.21
N PRO B 179 22.07 2.50 -13.89
CA PRO B 179 22.14 2.46 -15.34
C PRO B 179 22.56 1.13 -16.03
N PRO B 180 23.41 0.27 -15.38
CA PRO B 180 23.68 -1.11 -15.89
C PRO B 180 22.50 -2.07 -16.01
N CYS B 181 21.41 -1.81 -15.29
CA CYS B 181 20.17 -2.60 -15.42
C CYS B 181 19.48 -2.36 -16.77
N ARG B 182 19.99 -1.43 -17.56
CA ARG B 182 19.41 -1.23 -18.90
C ARG B 182 19.71 -2.43 -19.81
N TRP B 183 20.83 -3.09 -19.59
CA TRP B 183 21.22 -4.30 -20.32
C TRP B 183 20.23 -5.44 -20.19
N LEU B 184 19.79 -5.73 -18.95
CA LEU B 184 18.72 -6.68 -18.72
C LEU B 184 17.51 -6.30 -19.56
N SER B 185 17.11 -5.04 -19.45
CA SER B 185 15.96 -4.52 -20.17
C SER B 185 16.04 -4.74 -21.68
N MET B 186 17.13 -4.30 -22.29
CA MET B 186 17.32 -4.44 -23.74
C MET B 186 17.48 -5.88 -24.21
N SER B 187 18.00 -6.76 -23.35
CA SER B 187 18.07 -8.20 -23.67
C SER B 187 16.68 -8.81 -23.74
N ILE B 188 15.84 -8.46 -22.77
CA ILE B 188 14.48 -8.99 -22.68
C ILE B 188 13.62 -8.45 -23.80
N LYS B 189 13.72 -7.14 -24.05
CA LYS B 189 13.01 -6.50 -25.16
C LYS B 189 13.40 -7.09 -26.52
N ARG B 190 14.70 -7.23 -26.78
CA ARG B 190 15.15 -7.82 -28.04
C ARG B 190 14.66 -9.25 -28.19
N TRP B 191 14.75 -10.00 -27.08
CA TRP B 191 14.39 -11.40 -27.03
C TRP B 191 12.90 -11.63 -27.28
N SER B 192 12.06 -10.71 -26.80
CA SER B 192 10.62 -10.88 -26.87
C SER B 192 10.10 -10.69 -28.30
N LYS B 193 10.90 -10.04 -29.13
CA LYS B 193 10.55 -9.79 -30.52
C LYS B 193 10.96 -11.00 -31.38
N GLN B 194 12.14 -11.56 -31.09
CA GLN B 194 12.67 -12.79 -31.74
C GLN B 194 11.74 -13.99 -31.51
N THR B 195 11.32 -14.11 -30.27
CA THR B 195 10.50 -15.17 -29.78
C THR B 195 9.04 -15.02 -30.28
N GLY B 196 8.67 -13.83 -30.74
CA GLY B 196 7.31 -13.58 -31.22
C GLY B 196 6.28 -13.22 -30.17
N LEU B 197 6.75 -12.83 -28.98
CA LEU B 197 5.89 -12.54 -27.83
C LEU B 197 5.53 -11.06 -27.71
N ASN B 198 6.41 -10.21 -28.22
CA ASN B 198 6.16 -8.77 -28.27
C ASN B 198 4.94 -8.51 -29.13
N ALA B 199 4.14 -7.54 -28.71
CA ALA B 199 2.92 -7.16 -29.39
C ALA B 199 3.18 -6.46 -30.75
N SER B 200 4.38 -5.89 -30.92
CA SER B 200 4.85 -5.33 -32.18
C SER B 200 4.93 -6.37 -33.32
N VAL B 201 5.03 -7.63 -32.93
CA VAL B 201 4.99 -8.78 -33.85
C VAL B 201 3.56 -9.32 -33.91
N ILE B 202 3.17 -9.82 -35.09
CA ILE B 202 1.88 -10.53 -35.25
C ILE B 202 1.87 -11.75 -34.33
N GLY B 203 0.74 -11.96 -33.64
CA GLY B 203 0.64 -13.02 -32.62
C GLY B 203 1.04 -12.58 -31.22
N GLY B 204 2.04 -11.70 -31.12
CA GLY B 204 2.54 -11.18 -29.83
C GLY B 204 1.50 -10.51 -28.94
N SER B 205 1.71 -10.62 -27.64
CA SER B 205 0.66 -10.32 -26.64
C SER B 205 0.97 -9.24 -25.60
N ILE B 206 2.24 -8.86 -25.47
CA ILE B 206 2.71 -7.84 -24.50
C ILE B 206 3.66 -6.83 -25.18
N THR B 207 3.44 -5.55 -24.91
CA THR B 207 4.29 -4.48 -25.41
C THR B 207 5.69 -4.50 -24.76
N SER B 208 6.65 -3.88 -25.45
CA SER B 208 7.96 -3.53 -24.90
C SER B 208 7.80 -2.89 -23.51
N TYR B 209 6.84 -1.97 -23.43
CA TYR B 209 6.44 -1.30 -22.21
C TYR B 209 6.03 -2.26 -21.09
N GLY B 210 5.17 -3.24 -21.41
CA GLY B 210 4.72 -4.27 -20.49
C GLY B 210 5.85 -5.11 -19.93
N PHE B 211 6.86 -5.33 -20.76
CA PHE B 211 8.09 -6.00 -20.33
C PHE B 211 8.94 -5.20 -19.34
N ASN B 212 9.07 -3.89 -19.55
CA ASN B 212 9.78 -3.02 -18.60
C ASN B 212 9.13 -3.01 -17.23
N LEU B 213 7.82 -2.90 -17.22
CA LEU B 213 7.05 -3.13 -16.02
C LEU B 213 7.43 -4.42 -15.33
N MET B 214 7.58 -5.51 -16.10
CA MET B 214 8.14 -6.75 -15.59
C MET B 214 9.56 -6.62 -15.09
N VAL B 215 10.47 -6.10 -15.92
CA VAL B 215 11.89 -6.00 -15.56
C VAL B 215 12.09 -5.21 -14.24
N VAL B 216 11.39 -4.08 -14.12
CA VAL B 216 11.51 -3.24 -12.94
C VAL B 216 10.85 -3.86 -11.70
N TYR B 217 9.66 -4.46 -11.88
CA TYR B 217 8.99 -5.22 -10.83
C TYR B 217 9.90 -6.24 -10.20
N TYR B 218 10.63 -6.96 -11.06
CA TYR B 218 11.49 -8.02 -10.62
C TYR B 218 12.68 -7.41 -9.89
N LEU B 219 13.18 -6.30 -10.42
CA LEU B 219 14.32 -5.63 -9.82
C LEU B 219 13.96 -5.03 -8.46
N LEU B 220 12.73 -4.55 -8.30
CA LEU B 220 12.27 -4.10 -6.98
C LEU B 220 12.26 -5.23 -5.98
N GLN B 221 11.82 -6.41 -6.41
CA GLN B 221 11.81 -7.57 -5.55
C GLN B 221 13.18 -7.96 -5.02
N ARG B 222 14.20 -7.78 -5.85
CA ARG B 222 15.56 -8.20 -5.52
C ARG B 222 16.38 -7.08 -4.93
N ASN B 223 15.71 -5.97 -4.61
CA ASN B 223 16.33 -4.82 -3.95
C ASN B 223 17.41 -4.15 -4.79
N HIS B 224 17.36 -4.35 -6.10
CA HIS B 224 18.30 -3.68 -7.02
C HIS B 224 17.77 -2.32 -7.41
N LEU B 225 16.54 -2.01 -6.97
CA LEU B 225 15.91 -0.70 -7.19
C LEU B 225 15.08 -0.33 -5.97
N GLN B 226 14.99 0.97 -5.75
CA GLN B 226 14.20 1.52 -4.67
C GLN B 226 12.94 2.08 -5.27
N PHE B 227 11.82 1.88 -4.56
CA PHE B 227 10.51 2.29 -5.04
C PHE B 227 10.30 3.81 -5.24
N VAL B 228 9.73 4.18 -6.40
CA VAL B 228 9.33 5.56 -6.70
C VAL B 228 7.82 5.63 -6.86
N PRO B 229 7.12 6.38 -6.00
CA PRO B 229 5.68 6.45 -6.19
C PRO B 229 5.30 7.11 -7.51
N PRO B 230 4.51 6.44 -8.38
CA PRO B 230 4.10 7.10 -9.64
C PRO B 230 3.58 8.55 -9.53
N SER B 231 2.77 8.85 -8.51
CA SER B 231 2.17 10.17 -8.32
C SER B 231 3.21 11.25 -8.13
N THR B 232 4.43 10.80 -7.87
CA THR B 232 5.58 11.63 -7.61
C THR B 232 6.13 12.36 -8.86
N ILE B 233 5.78 11.82 -10.02
CA ILE B 233 6.20 12.30 -11.32
C ILE B 233 5.31 13.47 -11.74
N ASP B 234 5.91 14.66 -11.80
CA ASP B 234 5.19 15.89 -12.16
C ASP B 234 5.50 16.34 -13.58
N VAL B 235 4.50 16.26 -14.46
CA VAL B 235 4.65 16.71 -15.86
C VAL B 235 5.06 18.19 -15.99
N SER B 236 4.72 19.02 -15.00
CA SER B 236 5.18 20.40 -15.02
C SER B 236 6.62 20.54 -14.52
N ARG B 237 7.29 19.40 -14.32
CA ARG B 237 8.71 19.36 -13.92
C ARG B 237 9.56 18.29 -14.61
N VAL B 238 8.92 17.42 -15.39
CA VAL B 238 9.64 16.52 -16.30
C VAL B 238 10.29 17.35 -17.41
N GLU B 239 11.56 17.08 -17.67
CA GLU B 239 12.28 17.68 -18.77
C GLU B 239 11.60 17.33 -20.09
N PRO B 240 11.34 18.33 -20.93
CA PRO B 240 10.66 18.09 -22.19
C PRO B 240 11.48 17.20 -23.11
N LEU B 241 12.80 17.24 -22.92
CA LEU B 241 13.74 16.50 -23.75
C LEU B 241 14.99 16.21 -22.93
N PRO B 242 15.01 15.06 -22.22
CA PRO B 242 16.07 14.78 -21.25
C PRO B 242 17.45 14.64 -21.93
N PRO B 243 18.54 14.72 -21.14
CA PRO B 243 19.87 14.52 -21.72
C PRO B 243 20.18 13.06 -22.05
N HIS B 244 21.38 12.84 -22.55
CA HIS B 244 21.84 11.52 -22.94
C HIS B 244 22.46 10.87 -21.72
N LEU B 245 22.11 9.61 -21.47
CA LEU B 245 22.70 8.83 -20.38
C LEU B 245 23.54 7.68 -20.98
N PRO B 246 24.88 7.83 -20.96
CA PRO B 246 25.82 6.96 -21.68
C PRO B 246 25.79 5.52 -21.21
N LEU B 247 25.84 4.58 -22.16
CA LEU B 247 25.70 3.15 -21.87
C LEU B 247 27.05 2.47 -21.91
N GLU B 248 27.68 2.29 -20.73
CA GLU B 248 28.93 1.55 -20.61
C GLU B 248 28.73 0.08 -21.00
N GLU B 249 29.77 -0.53 -21.55
CA GLU B 249 29.83 -1.99 -21.67
C GLU B 249 30.27 -2.58 -20.32
N PRO B 250 29.56 -3.62 -19.83
CA PRO B 250 29.87 -4.24 -18.53
C PRO B 250 31.34 -4.70 -18.40
N ALA B 251 31.93 -4.49 -17.22
CA ALA B 251 33.32 -4.92 -16.96
C ALA B 251 33.34 -6.43 -16.69
N ASP B 252 32.29 -6.91 -16.05
CA ASP B 252 32.03 -8.32 -15.74
C ASP B 252 32.42 -9.37 -16.79
N GLU B 253 32.67 -8.91 -18.02
CA GLU B 253 32.59 -9.75 -19.22
C GLU B 253 31.14 -10.24 -19.44
N GLY B 254 30.24 -9.81 -18.56
CA GLY B 254 28.82 -10.10 -18.67
C GLY B 254 28.25 -10.99 -17.57
N LEU B 255 29.03 -11.20 -16.52
CA LEU B 255 28.64 -12.11 -15.44
C LEU B 255 27.39 -11.65 -14.68
N GLU B 256 27.35 -10.38 -14.27
CA GLU B 256 26.17 -9.77 -13.60
C GLU B 256 24.94 -9.86 -14.48
N LEU B 257 25.08 -9.48 -15.76
CA LEU B 257 24.00 -9.56 -16.76
C LEU B 257 23.42 -10.97 -16.87
N GLY B 258 24.30 -11.95 -17.08
CA GLY B 258 23.95 -13.36 -17.17
C GLY B 258 23.27 -13.89 -15.92
N THR B 259 23.76 -13.46 -14.76
CA THR B 259 23.15 -13.79 -13.46
C THR B 259 21.71 -13.26 -13.35
N GLN B 260 21.55 -11.96 -13.64
CA GLN B 260 20.25 -11.28 -13.65
C GLN B 260 19.24 -11.93 -14.60
N VAL B 261 19.66 -12.17 -15.83
CA VAL B 261 18.80 -12.77 -16.84
C VAL B 261 18.26 -14.14 -16.45
N LEU B 262 19.12 -15.00 -15.88
CA LEU B 262 18.66 -16.31 -15.40
C LEU B 262 17.79 -16.18 -14.16
N ASP B 263 18.05 -15.15 -13.36
CA ASP B 263 17.27 -14.91 -12.15
C ASP B 263 15.87 -14.40 -12.47
N PHE B 264 15.80 -13.46 -13.40
CA PHE B 264 14.56 -13.01 -14.03
C PHE B 264 13.73 -14.16 -14.61
N LEU B 265 14.36 -15.02 -15.39
CA LEU B 265 13.65 -16.15 -16.02
C LEU B 265 13.10 -17.08 -14.93
N HIS B 266 13.91 -17.36 -13.91
CA HIS B 266 13.44 -18.10 -12.72
C HIS B 266 12.29 -17.44 -11.96
N PHE B 267 12.41 -16.15 -11.67
CA PHE B 267 11.40 -15.43 -10.89
C PHE B 267 10.03 -15.51 -11.52
N PHE B 268 9.95 -15.26 -12.82
CA PHE B 268 8.67 -15.23 -13.53
C PHE B 268 8.14 -16.58 -13.95
N LEU B 269 8.97 -17.61 -13.82
CA LEU B 269 8.51 -19.01 -13.98
C LEU B 269 8.01 -19.64 -12.66
N HIS B 270 8.70 -19.37 -11.55
CA HIS B 270 8.50 -20.14 -10.33
C HIS B 270 8.20 -19.32 -9.06
N GLU B 271 8.50 -18.03 -9.08
CA GLU B 271 8.30 -17.23 -7.90
C GLU B 271 7.09 -16.33 -8.07
N PHE B 272 6.85 -15.85 -9.28
CA PHE B 272 5.65 -15.07 -9.57
C PHE B 272 4.45 -16.02 -9.73
N ASP B 273 3.44 -15.82 -8.89
CA ASP B 273 2.22 -16.61 -8.94
C ASP B 273 1.17 -15.81 -9.69
N SER B 274 0.93 -16.23 -10.93
CA SER B 274 0.03 -15.54 -11.84
C SER B 274 -1.42 -15.79 -11.56
N ASP B 275 -1.71 -16.79 -10.70
CA ASP B 275 -3.11 -17.05 -10.24
C ASP B 275 -3.55 -16.07 -9.13
N LYS B 276 -2.61 -15.42 -8.46
CA LYS B 276 -2.91 -14.62 -7.24
C LYS B 276 -2.35 -13.21 -7.26
N GLN B 277 -1.26 -13.01 -7.99
CA GLN B 277 -0.53 -11.76 -7.94
C GLN B 277 -0.54 -10.93 -9.24
N VAL B 278 -0.11 -9.66 -9.10
CA VAL B 278 -0.16 -8.62 -10.13
C VAL B 278 1.25 -8.00 -10.25
N ILE B 279 1.80 -7.94 -11.48
CA ILE B 279 2.98 -7.13 -11.75
C ILE B 279 2.55 -5.66 -11.64
N SER B 280 3.04 -4.95 -10.61
CA SER B 280 2.62 -3.58 -10.32
C SER B 280 3.76 -2.68 -9.91
N LEU B 281 3.70 -1.42 -10.32
CA LEU B 281 4.64 -0.39 -9.84
C LEU B 281 3.89 0.71 -9.11
N ASN B 282 2.62 0.43 -8.80
CA ASN B 282 1.73 1.41 -8.17
C ASN B 282 1.86 1.50 -6.65
N ARG B 283 2.38 0.43 -6.04
CA ARG B 283 2.41 0.25 -4.58
C ARG B 283 3.60 -0.65 -4.29
N PRO B 284 4.34 -0.40 -3.19
CA PRO B 284 5.37 -1.42 -2.93
C PRO B 284 4.79 -2.73 -2.39
N GLY B 285 5.62 -3.76 -2.42
CA GLY B 285 5.22 -5.07 -2.00
C GLY B 285 4.43 -5.83 -3.06
N ILE B 286 3.65 -6.79 -2.57
CA ILE B 286 2.84 -7.66 -3.41
C ILE B 286 1.43 -7.12 -3.52
N THR B 287 0.94 -7.08 -4.77
CA THR B 287 -0.44 -6.79 -5.08
C THR B 287 -1.16 -8.07 -5.53
N THR B 288 -2.16 -8.48 -4.75
CA THR B 288 -3.02 -9.59 -5.13
C THR B 288 -4.02 -9.21 -6.23
N LYS B 289 -4.37 -10.18 -7.08
CA LYS B 289 -5.51 -10.04 -8.01
C LYS B 289 -6.83 -9.71 -7.29
N GLU B 290 -7.01 -10.29 -6.10
CA GLU B 290 -8.18 -10.07 -5.25
C GLU B 290 -8.39 -8.60 -4.97
N GLU B 291 -7.35 -7.86 -4.53
CA GLU B 291 -7.54 -6.47 -4.08
C GLU B 291 -7.87 -5.48 -5.20
N LEU B 292 -7.60 -5.87 -6.43
CA LEU B 292 -7.94 -5.06 -7.60
C LEU B 292 -9.23 -5.54 -8.26
N ASP B 293 -9.73 -6.71 -7.85
CA ASP B 293 -10.85 -7.41 -8.51
C ASP B 293 -10.48 -8.00 -9.89
N TRP B 294 -9.23 -8.41 -10.02
CA TRP B 294 -8.73 -8.99 -11.27
C TRP B 294 -8.69 -10.51 -11.15
N THR B 295 -9.85 -11.05 -10.79
CA THR B 295 -10.03 -12.44 -10.36
C THR B 295 -10.58 -13.31 -11.47
N LYS B 296 -10.47 -14.63 -11.32
CA LYS B 296 -11.19 -15.61 -12.15
C LYS B 296 -12.70 -15.34 -12.16
N SER B 297 -13.23 -14.85 -11.05
CA SER B 297 -14.65 -14.49 -10.95
C SER B 297 -15.02 -13.32 -11.84
N ALA B 298 -14.07 -12.41 -12.04
CA ALA B 298 -14.26 -11.24 -12.85
C ALA B 298 -14.18 -11.59 -14.33
N GLU B 299 -13.35 -12.56 -14.65
CA GLU B 299 -13.25 -13.17 -15.97
C GLU B 299 -14.59 -13.79 -16.34
N ASP B 300 -15.17 -14.56 -15.42
CA ASP B 300 -16.43 -15.30 -15.62
C ASP B 300 -17.59 -14.34 -15.82
N PHE B 301 -17.63 -13.29 -14.99
CA PHE B 301 -18.66 -12.25 -15.04
C PHE B 301 -18.64 -11.53 -16.38
N ALA B 302 -17.45 -11.12 -16.81
CA ALA B 302 -17.30 -10.43 -18.09
C ALA B 302 -17.84 -11.28 -19.22
N ARG B 303 -17.51 -12.58 -19.21
CA ARG B 303 -18.02 -13.57 -20.21
C ARG B 303 -19.54 -13.76 -20.23
N MET B 304 -20.16 -13.85 -19.05
CA MET B 304 -21.62 -13.89 -18.97
C MET B 304 -22.24 -12.53 -19.34
N ASN B 305 -21.40 -11.52 -19.41
CA ASN B 305 -21.89 -10.17 -19.65
C ASN B 305 -21.52 -9.67 -21.04
N GLY B 306 -21.12 -10.57 -21.92
CA GLY B 306 -20.74 -10.18 -23.26
C GLY B 306 -19.29 -9.77 -23.47
N GLU B 307 -18.69 -9.19 -22.44
CA GLU B 307 -17.33 -8.65 -22.54
C GLU B 307 -16.27 -9.74 -22.53
N LYS B 308 -15.02 -9.36 -22.77
CA LYS B 308 -13.91 -10.34 -22.81
C LYS B 308 -12.67 -9.72 -22.16
N VAL B 309 -12.54 -9.97 -20.85
CA VAL B 309 -11.39 -9.53 -20.08
C VAL B 309 -10.52 -10.74 -19.72
N HIS B 310 -9.20 -10.58 -19.75
CA HIS B 310 -8.28 -11.66 -19.38
C HIS B 310 -7.37 -11.25 -18.23
N TYR B 311 -7.42 -12.04 -17.16
CA TYR B 311 -6.60 -11.83 -15.98
C TYR B 311 -5.64 -13.01 -15.76
N GLN B 312 -5.01 -13.44 -16.85
CA GLN B 312 -4.10 -14.58 -16.83
C GLN B 312 -2.68 -14.14 -16.49
N TRP B 313 -2.31 -12.99 -17.03
CA TRP B 313 -1.04 -12.37 -16.77
C TRP B 313 -1.37 -10.90 -16.49
N CYS B 314 -1.45 -10.54 -15.21
CA CYS B 314 -1.83 -9.20 -14.82
C CYS B 314 -0.63 -8.28 -14.63
N ILE B 315 -0.68 -7.15 -15.33
CA ILE B 315 0.28 -6.07 -15.23
C ILE B 315 -0.49 -4.75 -15.03
N GLU B 316 -0.26 -4.09 -13.90
CA GLU B 316 -1.04 -2.90 -13.62
C GLU B 316 -0.36 -1.70 -14.25
N ASP B 317 -1.16 -0.76 -14.75
CA ASP B 317 -0.60 0.46 -15.35
C ASP B 317 -0.53 1.54 -14.27
N PRO B 318 0.63 2.22 -14.15
CA PRO B 318 0.86 3.23 -13.10
C PRO B 318 -0.05 4.45 -13.15
N TYR B 319 -0.66 4.73 -14.30
CA TYR B 319 -1.47 5.95 -14.48
C TYR B 319 -2.86 5.73 -15.12
N GLU B 320 -3.01 4.64 -15.86
CA GLU B 320 -4.30 4.31 -16.48
C GLU B 320 -5.12 3.59 -15.45
N LEU B 321 -6.29 4.14 -15.12
CA LEU B 321 -7.15 3.43 -14.20
C LEU B 321 -7.76 2.21 -14.88
N ASN B 322 -7.63 1.07 -14.19
CA ASN B 322 -8.21 -0.20 -14.60
C ASN B 322 -7.71 -0.73 -15.95
N LEU B 323 -6.57 -0.21 -16.42
CA LEU B 323 -5.91 -0.76 -17.60
C LEU B 323 -4.92 -1.85 -17.23
N ASN B 324 -5.22 -3.05 -17.68
CA ASN B 324 -4.34 -4.19 -17.54
C ASN B 324 -3.44 -4.27 -18.77
N VAL B 325 -2.13 -4.10 -18.57
CA VAL B 325 -1.20 -4.11 -19.71
C VAL B 325 -0.99 -5.55 -20.25
N GLY B 326 -1.50 -6.53 -19.50
CA GLY B 326 -1.48 -7.91 -19.94
C GLY B 326 -2.82 -8.38 -20.46
N ARG B 327 -3.68 -7.44 -20.84
CA ARG B 327 -5.08 -7.77 -21.25
C ARG B 327 -5.20 -8.70 -22.48
N ASN B 328 -4.13 -8.78 -23.27
CA ASN B 328 -4.10 -9.60 -24.50
C ASN B 328 -3.37 -10.93 -24.34
N VAL B 329 -3.04 -11.30 -23.09
CA VAL B 329 -2.46 -12.60 -22.79
C VAL B 329 -3.61 -13.53 -22.42
N THR B 330 -4.05 -14.30 -23.41
CA THR B 330 -5.09 -15.29 -23.24
C THR B 330 -4.51 -16.49 -22.51
N PRO B 331 -5.36 -17.43 -22.05
CA PRO B 331 -4.91 -18.72 -21.53
C PRO B 331 -3.83 -19.43 -22.38
N LEU B 332 -3.99 -19.40 -23.71
CA LEU B 332 -3.09 -20.07 -24.65
C LEU B 332 -1.83 -19.28 -24.95
N LYS B 333 -1.91 -17.95 -24.84
CA LYS B 333 -0.70 -17.11 -24.95
C LYS B 333 0.12 -17.15 -23.65
N ARG B 334 -0.57 -17.41 -22.55
CA ARG B 334 0.06 -17.61 -21.25
C ARG B 334 0.97 -18.85 -21.26
N ASP B 335 0.44 -19.96 -21.75
CA ASP B 335 1.20 -21.21 -21.91
C ASP B 335 2.39 -21.03 -22.88
N PHE B 336 2.18 -20.27 -23.94
CA PHE B 336 3.23 -19.91 -24.91
C PHE B 336 4.38 -19.25 -24.16
N LEU B 337 4.06 -18.15 -23.47
CA LEU B 337 5.00 -17.40 -22.64
C LEU B 337 5.82 -18.26 -21.68
N ARG B 338 5.15 -19.11 -20.90
CA ARG B 338 5.84 -20.05 -19.99
C ARG B 338 6.85 -20.90 -20.74
N ARG B 339 6.42 -21.49 -21.85
CA ARG B 339 7.26 -22.37 -22.69
C ARG B 339 8.50 -21.65 -23.21
N HIS B 340 8.33 -20.39 -23.60
CA HIS B 340 9.44 -19.54 -24.04
C HIS B 340 10.38 -19.10 -22.94
N LEU B 341 9.84 -18.91 -21.73
CA LEU B 341 10.66 -18.52 -20.57
C LEU B 341 11.57 -19.65 -20.14
N GLU B 342 11.16 -20.89 -20.42
CA GLU B 342 11.98 -22.07 -20.11
C GLU B 342 13.12 -22.22 -21.10
N LYS B 343 12.79 -22.13 -22.40
CA LYS B 343 13.73 -22.22 -23.53
C LYS B 343 14.88 -21.21 -23.45
N ALA B 344 14.52 -19.99 -23.01
CA ALA B 344 15.42 -18.86 -22.85
C ALA B 344 16.60 -19.05 -21.89
N ARG B 345 16.47 -19.91 -20.87
CA ARG B 345 17.60 -20.10 -19.93
C ARG B 345 18.61 -21.18 -20.33
N ASP B 346 18.22 -22.01 -21.30
CA ASP B 346 19.09 -23.06 -21.85
C ASP B 346 19.80 -22.58 -23.13
N THR B 347 19.16 -21.66 -23.85
CA THR B 347 19.74 -21.03 -25.03
C THR B 347 20.23 -19.58 -24.82
N ALA B 348 20.36 -19.14 -23.57
CA ALA B 348 20.75 -17.76 -23.24
C ALA B 348 20.03 -16.70 -24.09
N LEU B 349 18.71 -16.63 -23.95
CA LEU B 349 17.85 -15.76 -24.78
C LEU B 349 18.07 -15.93 -26.27
N LEU B 350 18.19 -17.19 -26.71
CA LEU B 350 18.38 -17.56 -28.14
C LEU B 350 19.77 -17.23 -28.72
N THR B 351 20.75 -16.97 -27.84
CA THR B 351 22.07 -16.55 -28.30
C THR B 351 23.09 -17.67 -28.17
N ILE B 352 22.66 -18.81 -27.64
CA ILE B 352 23.47 -20.02 -27.61
C ILE B 352 22.75 -21.11 -28.39
N VAL B 353 23.21 -21.30 -29.62
CA VAL B 353 22.69 -22.31 -30.52
C VAL B 353 23.91 -23.01 -31.13
MG MG C . -4.98 -6.01 19.12
N1 CTP D . -5.33 1.97 17.71
C2 CTP D . -5.30 3.29 17.46
N3 CTP D . -6.34 3.90 16.86
C4 CTP D . -7.47 3.20 16.52
C5 CTP D . -7.51 1.82 16.77
C6 CTP D . -6.42 1.23 17.38
O2 CTP D . -4.30 3.99 17.77
N4 CTP D . -8.53 3.85 15.94
C1' CTP D . -4.18 1.33 18.36
C2' CTP D . -4.46 1.42 19.87
O2' CTP D . -3.31 1.89 20.54
C3' CTP D . -4.81 0.01 20.27
C4' CTP D . -4.02 -0.82 19.25
O4' CTP D . -4.03 -0.07 18.04
O3' CTP D . -4.49 -0.25 21.64
C5' CTP D . -4.70 -2.13 19.00
O5' CTP D . -6.07 -1.87 18.68
PA CTP D . -7.22 -2.98 18.94
O1A CTP D . -6.65 -4.25 18.31
O2A CTP D . -8.55 -2.44 18.52
O3A CTP D . -7.35 -3.06 20.55
PB CTP D . -6.92 -4.26 21.58
O1B CTP D . -5.52 -4.70 21.16
O2B CTP D . -7.03 -3.60 22.94
O3B CTP D . -8.09 -5.43 21.64
PG CTP D . -8.21 -6.89 20.89
O1G CTP D . -9.47 -6.84 20.08
O2G CTP D . -8.33 -7.96 21.95
O3G CTP D . -6.90 -6.92 20.10
#